data_5HXX
#
_entry.id   5HXX
#
_cell.length_a   103.388
_cell.length_b   53.521
_cell.length_c   170.224
_cell.angle_alpha   90.000
_cell.angle_beta   104.230
_cell.angle_gamma   90.000
#
_symmetry.space_group_name_H-M   'C 1 2 1'
#
loop_
_entity.id
_entity.type
_entity.pdbx_description
1 polymer 'ASPARTATE AMINOTRANSFERASE'
2 non-polymer "4'-DEOXY-4'-AMINOPYRIDOXAL-5'-PHOSPHATE"
3 non-polymer '2-OXOGLUTARIC ACID'
4 non-polymer GLYCEROL
5 non-polymer "PYRIDOXAL-5'-PHOSPHATE"
6 non-polymer 'GLUTAMIC ACID'
7 water water
#
_entity_poly.entity_id   1
_entity_poly.type   'polypeptide(L)'
_entity_poly.pdbx_seq_one_letter_code
;MSSVSLQDFDAERIGLFHEDIKRKFDELKSKNLKLDLTRGKPSSEQLDFADELLALPGKGDFKAADGTDVRNYGGLDGIV
DIRQIWADLLGVPVEQVLAGDASSLNIMFDVISWSYIFGNNDSVQPWSKEETVKWICPVPGYDRHFSITERFGFEMISVP
MNEDGPDMDAVEELVKNPQVKGMWVVPVFSNPTGFTVTEDVAKRLSAMETAAPDFRVVWDNAYAVHTLTDEFPEVIDIVG
LGEAAGNPNRFWAFTSTSKITLAGAGVSFFLTSAENRKWYTGHAGIRGIGPNKVNQLAHARYFGDAEGVRAVMRKHAASL
APKFNKVLEILDSRLAEYGVAQWTVPAGGYFISLDVVPGTASRVAELAKEAGIALTGAGSSYPLRQDPENKNLRLAPSLP
PVEELEVAMDGVATCVLLAAAEHYANHHHHHH
;
_entity_poly.pdbx_strand_id   A,B
#
# COMPACT_ATOMS: atom_id res chain seq x y z
N VAL A 4 40.24 -23.58 29.79
CA VAL A 4 40.81 -22.20 29.54
C VAL A 4 40.22 -21.50 28.29
N SER A 5 39.56 -20.36 28.46
CA SER A 5 38.97 -19.63 27.31
C SER A 5 40.07 -18.80 26.62
N LEU A 6 39.91 -18.47 25.34
CA LEU A 6 40.91 -17.68 24.64
C LEU A 6 41.32 -16.43 25.41
N GLN A 7 40.36 -15.75 26.04
CA GLN A 7 40.67 -14.50 26.73
C GLN A 7 41.66 -14.65 27.88
N ASP A 8 41.71 -15.84 28.48
CA ASP A 8 42.65 -16.19 29.57
C ASP A 8 44.00 -16.84 29.05
N PHE A 9 44.14 -17.06 27.73
CA PHE A 9 45.42 -17.50 27.19
C PHE A 9 46.51 -16.45 27.55
N ASP A 10 47.71 -16.94 27.91
CA ASP A 10 48.85 -16.04 28.14
C ASP A 10 49.36 -15.52 26.81
N ALA A 11 50.25 -14.56 26.86
CA ALA A 11 50.69 -13.83 25.69
C ALA A 11 51.25 -14.76 24.64
N GLU A 12 52.03 -15.75 25.08
CA GLU A 12 52.60 -16.63 24.11
C GLU A 12 51.59 -17.61 23.59
N ARG A 13 50.71 -18.13 24.44
CA ARG A 13 49.78 -19.11 23.97
C ARG A 13 48.79 -18.48 22.95
N ILE A 14 48.40 -17.22 23.14
CA ILE A 14 47.43 -16.61 22.18
C ILE A 14 48.11 -16.33 20.86
N GLY A 15 49.39 -15.94 20.89
CA GLY A 15 50.24 -15.78 19.69
C GLY A 15 50.29 -17.06 18.88
N LEU A 16 50.56 -18.16 19.56
CA LEU A 16 50.61 -19.45 18.89
C LEU A 16 49.23 -19.84 18.41
N PHE A 17 48.19 -19.58 19.23
CA PHE A 17 46.84 -19.86 18.79
C PHE A 17 46.56 -19.06 17.49
N HIS A 18 47.01 -17.83 17.43
CA HIS A 18 46.83 -17.01 16.22
C HIS A 18 47.47 -17.62 14.97
N GLU A 19 48.72 -18.10 15.09
CA GLU A 19 49.35 -18.82 14.00
C GLU A 19 48.63 -20.10 13.64
N ASP A 20 48.16 -20.85 14.62
CA ASP A 20 47.36 -22.08 14.40
C ASP A 20 46.12 -21.81 13.56
N ILE A 21 45.25 -20.96 14.07
CA ILE A 21 43.96 -20.64 13.37
C ILE A 21 44.15 -19.95 12.03
N LYS A 22 45.19 -19.13 11.85
CA LYS A 22 45.44 -18.51 10.57
C LYS A 22 45.63 -19.57 9.45
N ARG A 23 46.22 -20.74 9.78
CA ARG A 23 46.44 -21.84 8.83
C ARG A 23 45.06 -22.32 8.35
N LYS A 24 44.13 -22.43 9.29
CA LYS A 24 42.76 -22.85 8.95
C LYS A 24 42.07 -21.82 8.04
N PHE A 25 42.21 -20.56 8.38
CA PHE A 25 41.69 -19.48 7.55
C PHE A 25 42.26 -19.52 6.11
N ASP A 26 43.57 -19.73 6.02
CA ASP A 26 44.19 -19.95 4.71
C ASP A 26 43.53 -21.09 3.94
N GLU A 27 43.31 -22.24 4.59
CA GLU A 27 42.63 -23.39 3.97
C GLU A 27 41.21 -23.01 3.54
N LEU A 28 40.52 -22.20 4.35
CA LEU A 28 39.19 -21.73 4.02
C LEU A 28 39.21 -20.89 2.71
N LYS A 29 40.09 -19.91 2.62
CA LYS A 29 40.20 -19.12 1.43
C LYS A 29 40.52 -19.95 0.16
N SER A 30 41.28 -21.04 0.30
CA SER A 30 41.66 -21.85 -0.85
C SER A 30 40.46 -22.64 -1.40
N LYS A 31 39.36 -22.74 -0.64
CA LYS A 31 38.12 -23.31 -1.16
C LYS A 31 37.42 -22.45 -2.23
N ASN A 32 37.76 -21.18 -2.37
CA ASN A 32 37.05 -20.25 -3.29
C ASN A 32 35.50 -20.30 -3.17
N LEU A 33 34.99 -20.07 -1.96
CA LEU A 33 33.54 -20.17 -1.71
C LEU A 33 32.80 -18.97 -2.24
N LYS A 34 31.52 -19.17 -2.54
CA LYS A 34 30.58 -18.07 -2.83
C LYS A 34 29.22 -18.41 -2.16
N LEU A 35 29.10 -18.00 -0.90
CA LEU A 35 28.03 -18.45 -0.05
C LEU A 35 27.46 -17.27 0.71
N ASP A 36 26.20 -17.39 1.07
CA ASP A 36 25.48 -16.22 1.56
C ASP A 36 24.54 -16.62 2.70
N LEU A 37 24.78 -16.03 3.86
CA LEU A 37 24.00 -16.30 5.07
C LEU A 37 23.17 -15.10 5.50
N THR A 38 22.85 -14.24 4.56
CA THR A 38 22.20 -12.92 4.87
C THR A 38 20.67 -12.86 4.62
N ARG A 39 20.16 -13.80 3.85
CA ARG A 39 18.80 -13.72 3.30
C ARG A 39 17.74 -14.32 4.21
N GLY A 40 17.00 -13.47 4.92
CA GLY A 40 15.96 -13.90 5.82
C GLY A 40 14.67 -14.27 5.11
N LYS A 41 14.78 -15.11 4.09
CA LYS A 41 13.62 -15.43 3.24
C LYS A 41 13.40 -16.90 3.02
N PRO A 42 12.15 -17.28 2.69
CA PRO A 42 11.91 -18.67 2.45
C PRO A 42 12.68 -19.22 1.24
N SER A 43 12.99 -20.51 1.32
CA SER A 43 13.63 -21.25 0.22
C SER A 43 12.60 -21.54 -0.88
N SER A 44 13.05 -21.87 -2.09
CA SER A 44 12.11 -22.30 -3.15
C SER A 44 11.28 -23.51 -2.71
N GLU A 45 11.86 -24.47 -1.95
CA GLU A 45 11.10 -25.64 -1.43
C GLU A 45 9.84 -25.22 -0.63
N GLN A 46 10.03 -24.20 0.23
CA GLN A 46 8.98 -23.67 1.06
C GLN A 46 7.92 -22.93 0.22
N LEU A 47 8.39 -22.17 -0.75
CA LEU A 47 7.47 -21.47 -1.64
C LEU A 47 6.63 -22.47 -2.49
N ASP A 48 7.21 -23.64 -2.87
CA ASP A 48 6.49 -24.71 -3.56
C ASP A 48 5.27 -25.24 -2.80
N PHE A 49 5.27 -25.16 -1.45
CA PHE A 49 4.12 -25.63 -0.71
C PHE A 49 2.83 -24.92 -1.12
N ALA A 50 2.89 -23.66 -1.50
CA ALA A 50 1.67 -22.84 -1.85
C ALA A 50 1.45 -22.77 -3.38
N ASP A 51 1.97 -23.73 -4.10
CA ASP A 51 1.79 -23.77 -5.52
C ASP A 51 0.34 -23.61 -5.94
N GLU A 52 -0.55 -24.33 -5.30
CA GLU A 52 -2.03 -24.24 -5.54
C GLU A 52 -2.61 -22.82 -5.47
N LEU A 53 -2.06 -21.97 -4.59
CA LEU A 53 -2.51 -20.60 -4.40
C LEU A 53 -2.26 -19.73 -5.64
N LEU A 54 -1.31 -20.12 -6.50
CA LEU A 54 -1.13 -19.50 -7.81
C LEU A 54 -2.32 -19.67 -8.78
N ALA A 55 -3.24 -20.59 -8.47
CA ALA A 55 -4.46 -20.88 -9.24
C ALA A 55 -5.73 -20.57 -8.47
N LEU A 56 -5.62 -19.97 -7.28
CA LEU A 56 -6.79 -19.61 -6.51
C LEU A 56 -7.14 -18.09 -6.60
N PRO A 57 -8.39 -17.71 -6.39
CA PRO A 57 -9.44 -18.55 -5.94
C PRO A 57 -10.01 -19.37 -7.07
N GLY A 58 -9.62 -19.14 -8.30
CA GLY A 58 -10.18 -19.98 -9.39
C GLY A 58 -11.38 -19.44 -10.09
N LYS A 59 -11.49 -19.86 -11.37
CA LYS A 59 -12.58 -19.44 -12.23
C LYS A 59 -13.90 -19.65 -11.53
N GLY A 60 -14.75 -18.64 -11.62
CA GLY A 60 -16.08 -18.73 -11.05
C GLY A 60 -16.22 -18.67 -9.53
N ASP A 61 -15.14 -18.39 -8.79
CA ASP A 61 -15.23 -18.41 -7.34
C ASP A 61 -14.74 -17.04 -6.82
N PHE A 62 -15.69 -16.15 -6.59
CA PHE A 62 -15.36 -14.74 -6.32
C PHE A 62 -16.30 -14.11 -5.24
N LYS A 63 -17.00 -14.93 -4.47
CA LYS A 63 -17.88 -14.43 -3.40
C LYS A 63 -17.31 -14.71 -1.99
N ALA A 64 -17.13 -13.66 -1.20
CA ALA A 64 -16.80 -13.83 0.22
C ALA A 64 -17.99 -14.41 0.98
N ALA A 65 -17.75 -14.79 2.24
CA ALA A 65 -18.77 -15.52 3.03
C ALA A 65 -20.00 -14.66 3.34
N ASP A 66 -19.85 -13.36 3.31
CA ASP A 66 -20.97 -12.45 3.42
C ASP A 66 -21.60 -12.03 2.09
N GLY A 67 -21.32 -12.72 0.97
CA GLY A 67 -21.83 -12.30 -0.33
C GLY A 67 -21.04 -11.22 -1.13
N THR A 68 -20.00 -10.62 -0.55
CA THR A 68 -19.23 -9.57 -1.22
C THR A 68 -18.58 -10.14 -2.49
N ASP A 69 -18.75 -9.40 -3.59
CA ASP A 69 -18.13 -9.77 -4.84
C ASP A 69 -16.73 -9.22 -4.68
N VAL A 70 -15.75 -10.11 -4.51
CA VAL A 70 -14.35 -9.67 -4.29
C VAL A 70 -13.68 -9.02 -5.49
N ARG A 71 -14.32 -9.17 -6.65
CA ARG A 71 -13.82 -8.63 -7.88
C ARG A 71 -14.02 -7.11 -8.09
N ASN A 72 -14.88 -6.49 -7.28
CA ASN A 72 -15.30 -5.13 -7.47
C ASN A 72 -14.83 -4.23 -6.34
N TYR A 73 -15.01 -2.93 -6.50
CA TYR A 73 -14.49 -1.97 -5.55
C TYR A 73 -15.18 -2.06 -4.23
N GLY A 74 -14.42 -1.74 -3.20
CA GLY A 74 -14.99 -1.32 -1.96
C GLY A 74 -14.67 -2.22 -0.79
N GLY A 75 -14.75 -1.62 0.38
CA GLY A 75 -14.50 -2.23 1.68
C GLY A 75 -13.05 -2.02 2.13
N LEU A 76 -12.89 -1.30 3.22
CA LEU A 76 -11.56 -0.91 3.69
C LEU A 76 -11.00 -1.92 4.69
N ASP A 77 -11.81 -2.88 5.16
CA ASP A 77 -11.39 -3.75 6.30
C ASP A 77 -10.77 -5.08 5.96
N GLY A 78 -10.86 -5.48 4.68
CA GLY A 78 -10.54 -6.82 4.23
C GLY A 78 -11.78 -7.70 4.33
N ILE A 79 -11.78 -8.91 3.74
CA ILE A 79 -13.00 -9.70 3.63
C ILE A 79 -13.14 -10.52 4.91
N VAL A 80 -14.37 -10.82 5.26
CA VAL A 80 -14.64 -11.60 6.47
C VAL A 80 -13.93 -12.95 6.52
N ASP A 81 -13.79 -13.62 5.37
CA ASP A 81 -13.31 -15.01 5.29
C ASP A 81 -11.88 -15.10 5.92
N ILE A 82 -11.03 -14.22 5.48
CA ILE A 82 -9.62 -14.26 5.91
C ILE A 82 -9.46 -13.69 7.33
N ARG A 83 -10.27 -12.67 7.64
CA ARG A 83 -10.28 -12.04 8.97
C ARG A 83 -10.71 -13.05 10.05
N GLN A 84 -11.74 -13.86 9.76
CA GLN A 84 -12.21 -14.88 10.69
C GLN A 84 -11.17 -15.99 10.89
N ILE A 85 -10.51 -16.41 9.81
CA ILE A 85 -9.46 -17.42 9.93
C ILE A 85 -8.37 -16.93 10.88
N TRP A 86 -7.88 -15.69 10.65
CA TRP A 86 -6.86 -15.14 11.48
C TRP A 86 -7.31 -14.91 12.92
N ALA A 87 -8.57 -14.51 13.13
CA ALA A 87 -9.14 -14.39 14.48
C ALA A 87 -9.12 -15.73 15.22
N ASP A 88 -9.56 -16.79 14.52
CA ASP A 88 -9.60 -18.15 15.04
C ASP A 88 -8.18 -18.63 15.35
N LEU A 89 -7.26 -18.37 14.44
CA LEU A 89 -5.85 -18.75 14.61
C LEU A 89 -5.24 -18.08 15.82
N LEU A 90 -5.46 -16.79 15.92
CA LEU A 90 -4.84 -16.03 16.98
C LEU A 90 -5.65 -16.07 18.28
N GLY A 91 -6.87 -16.61 18.27
CA GLY A 91 -7.74 -16.59 19.45
C GLY A 91 -8.18 -15.21 19.91
N VAL A 92 -8.43 -14.31 18.97
CA VAL A 92 -8.95 -12.97 19.26
C VAL A 92 -10.35 -12.79 18.62
N PRO A 93 -11.19 -11.92 19.17
CA PRO A 93 -12.45 -11.53 18.46
C PRO A 93 -12.14 -11.04 17.02
N VAL A 94 -12.98 -11.45 16.05
CA VAL A 94 -12.82 -11.04 14.65
C VAL A 94 -12.85 -9.52 14.43
N GLU A 95 -13.57 -8.80 15.30
CA GLU A 95 -13.69 -7.33 15.19
C GLU A 95 -12.35 -6.63 15.33
N GLN A 96 -11.39 -7.25 16.00
CA GLN A 96 -10.07 -6.71 16.19
C GLN A 96 -9.24 -6.67 14.88
N VAL A 97 -9.58 -7.53 13.90
CA VAL A 97 -8.70 -7.88 12.79
C VAL A 97 -9.09 -7.06 11.56
N LEU A 98 -8.11 -6.37 10.98
CA LEU A 98 -8.21 -5.79 9.64
C LEU A 98 -7.18 -6.56 8.77
N ALA A 99 -7.55 -6.88 7.54
CA ALA A 99 -6.72 -7.58 6.57
C ALA A 99 -6.46 -6.61 5.43
N GLY A 100 -5.18 -6.44 5.13
CA GLY A 100 -4.76 -5.46 4.11
C GLY A 100 -4.17 -6.11 2.87
N ASP A 101 -3.16 -5.46 2.30
CA ASP A 101 -2.40 -5.96 1.13
C ASP A 101 -1.29 -6.87 1.61
N ALA A 102 -0.23 -7.03 0.85
CA ALA A 102 0.78 -8.03 1.13
C ALA A 102 1.89 -7.58 2.07
N SER A 103 1.83 -6.38 2.68
CA SER A 103 2.90 -5.98 3.53
C SER A 103 2.43 -5.35 4.83
N SER A 104 2.80 -5.98 5.93
CA SER A 104 2.50 -5.39 7.23
C SER A 104 3.46 -4.21 7.51
N LEU A 105 4.69 -4.24 6.94
CA LEU A 105 5.57 -3.09 7.05
C LEU A 105 4.95 -1.82 6.45
N ASN A 106 4.22 -1.95 5.31
CA ASN A 106 3.50 -0.84 4.66
C ASN A 106 2.54 -0.19 5.69
N ILE A 107 1.85 -1.03 6.45
CA ILE A 107 0.82 -0.54 7.42
C ILE A 107 1.53 0.15 8.61
N MET A 108 2.62 -0.45 9.08
CA MET A 108 3.42 0.16 10.14
C MET A 108 3.96 1.55 9.79
N PHE A 109 4.48 1.68 8.58
CA PHE A 109 4.95 2.91 8.08
C PHE A 109 3.76 3.90 8.01
N ASP A 110 2.63 3.45 7.50
CA ASP A 110 1.48 4.36 7.33
C ASP A 110 1.01 4.93 8.68
N VAL A 111 0.86 4.07 9.68
CA VAL A 111 0.33 4.56 10.97
C VAL A 111 1.29 5.53 11.62
N ILE A 112 2.59 5.29 11.49
CA ILE A 112 3.60 6.25 11.95
C ILE A 112 3.59 7.56 11.14
N SER A 113 3.58 7.45 9.81
CA SER A 113 3.46 8.57 8.92
C SER A 113 2.24 9.48 9.25
N TRP A 114 1.11 8.85 9.52
CA TRP A 114 -0.16 9.57 9.75
C TRP A 114 -0.12 10.19 11.15
N SER A 115 0.46 9.50 12.14
CA SER A 115 0.66 10.11 13.43
C SER A 115 1.58 11.35 13.29
N TYR A 116 2.59 11.30 12.44
CA TYR A 116 3.46 12.41 12.18
C TYR A 116 2.71 13.57 11.51
N ILE A 117 1.91 13.26 10.49
CA ILE A 117 1.22 14.32 9.70
C ILE A 117 -0.01 14.89 10.41
N PHE A 118 -0.82 13.98 10.95
CA PHE A 118 -2.17 14.29 11.44
C PHE A 118 -2.39 14.15 12.92
N GLY A 119 -1.45 13.49 13.61
CA GLY A 119 -1.67 12.91 14.90
C GLY A 119 -2.45 11.62 14.86
N ASN A 120 -2.32 10.78 15.85
CA ASN A 120 -3.25 9.65 16.00
C ASN A 120 -4.50 10.14 16.80
N ASN A 121 -5.45 9.24 16.98
CA ASN A 121 -6.73 9.54 17.63
C ASN A 121 -6.56 10.01 19.06
N ASP A 122 -5.38 9.78 19.69
CA ASP A 122 -5.13 10.29 21.08
C ASP A 122 -4.18 11.48 21.15
N SER A 123 -3.77 12.02 20.00
CA SER A 123 -2.79 13.06 19.95
C SER A 123 -3.40 14.43 20.27
N VAL A 124 -2.66 15.26 21.06
CA VAL A 124 -2.98 16.64 21.26
C VAL A 124 -2.65 17.37 19.99
N GLN A 125 -1.49 17.04 19.38
CA GLN A 125 -1.11 17.63 18.11
C GLN A 125 -0.28 16.61 17.29
N PRO A 126 -0.06 16.89 16.01
CA PRO A 126 0.71 15.89 15.21
C PRO A 126 2.15 15.79 15.62
N TRP A 127 2.74 14.59 15.47
CA TRP A 127 4.15 14.40 15.86
C TRP A 127 5.12 15.34 15.14
N SER A 128 4.73 15.79 13.96
CA SER A 128 5.56 16.75 13.24
C SER A 128 5.77 18.11 14.01
N LYS A 129 4.89 18.41 14.96
CA LYS A 129 5.02 19.66 15.77
C LYS A 129 6.00 19.53 16.92
N GLU A 130 6.46 18.33 17.20
CA GLU A 130 7.34 18.12 18.30
C GLU A 130 8.79 18.49 17.93
N GLU A 131 9.49 19.19 18.81
CA GLU A 131 10.90 19.41 18.57
C GLU A 131 11.68 18.10 18.52
N THR A 132 11.31 17.12 19.34
CA THR A 132 12.02 15.84 19.45
C THR A 132 11.03 14.72 19.65
N VAL A 133 11.12 13.69 18.82
CA VAL A 133 10.38 12.47 19.03
C VAL A 133 11.35 11.35 19.32
N LYS A 134 11.14 10.68 20.42
CA LYS A 134 11.92 9.51 20.74
C LYS A 134 11.13 8.21 20.62
N TRP A 135 11.88 7.13 20.42
CA TRP A 135 11.29 5.88 20.05
C TRP A 135 12.11 4.76 20.65
N ILE A 136 11.46 3.88 21.40
CA ILE A 136 12.12 2.79 22.09
C ILE A 136 12.41 1.58 21.18
N CYS A 137 13.68 1.13 21.21
CA CYS A 137 14.16 0.12 20.25
C CYS A 137 14.83 -1.05 20.99
N PRO A 138 14.10 -2.12 21.25
CA PRO A 138 14.75 -3.33 21.83
C PRO A 138 15.76 -3.91 20.86
N VAL A 139 16.92 -4.28 21.38
CA VAL A 139 18.08 -4.67 20.53
C VAL A 139 18.65 -5.95 21.08
N PRO A 140 19.20 -6.81 20.21
CA PRO A 140 19.14 -6.66 18.75
C PRO A 140 17.68 -6.84 18.24
N GLY A 141 17.38 -6.18 17.14
CA GLY A 141 16.02 -5.99 16.60
C GLY A 141 16.08 -5.99 15.09
N TYR A 142 15.00 -5.51 14.44
CA TYR A 142 14.80 -5.70 13.02
C TYR A 142 15.19 -4.41 12.30
N ASP A 143 16.19 -4.48 11.41
CA ASP A 143 16.64 -3.31 10.65
C ASP A 143 15.57 -2.53 9.94
N ARG A 144 14.56 -3.21 9.34
CA ARG A 144 13.50 -2.50 8.60
C ARG A 144 12.57 -1.67 9.53
N HIS A 145 12.35 -2.12 10.77
CA HIS A 145 11.72 -1.28 11.81
C HIS A 145 12.54 -0.04 12.04
N PHE A 146 13.84 -0.25 12.33
CA PHE A 146 14.66 0.93 12.73
C PHE A 146 14.85 1.92 11.60
N SER A 147 14.83 1.42 10.34
CA SER A 147 14.91 2.28 9.20
C SER A 147 13.74 3.25 9.04
N ILE A 148 12.53 2.83 9.43
CA ILE A 148 11.35 3.67 9.33
C ILE A 148 11.51 4.91 10.31
N THR A 149 11.79 4.60 11.57
CA THR A 149 12.00 5.62 12.60
C THR A 149 13.21 6.52 12.35
N GLU A 150 14.29 5.97 11.78
CA GLU A 150 15.43 6.76 11.30
C GLU A 150 15.00 7.68 10.12
N ARG A 151 14.27 7.20 9.12
CA ARG A 151 13.83 8.06 8.05
C ARG A 151 12.90 9.19 8.53
N PHE A 152 12.10 8.94 9.56
CA PHE A 152 11.24 10.04 10.16
C PHE A 152 12.01 11.03 11.11
N GLY A 153 13.30 10.75 11.34
CA GLY A 153 14.12 11.55 12.26
C GLY A 153 13.82 11.35 13.73
N PHE A 154 13.28 10.21 14.13
CA PHE A 154 13.02 10.01 15.56
C PHE A 154 14.33 9.58 16.25
N GLU A 155 14.56 10.02 17.48
CA GLU A 155 15.75 9.60 18.22
C GLU A 155 15.44 8.27 18.78
N MET A 156 16.23 7.29 18.35
CA MET A 156 15.95 5.90 18.70
C MET A 156 16.74 5.60 19.96
N ILE A 157 16.08 5.13 20.99
CA ILE A 157 16.76 4.75 22.25
C ILE A 157 16.68 3.27 22.49
N SER A 158 17.85 2.64 22.56
CA SER A 158 17.90 1.23 22.63
C SER A 158 17.71 0.71 24.06
N VAL A 159 17.06 -0.44 24.16
CA VAL A 159 17.01 -1.26 25.38
C VAL A 159 17.30 -2.68 25.03
N PRO A 160 17.72 -3.49 26.03
CA PRO A 160 18.08 -4.87 25.79
C PRO A 160 16.86 -5.69 25.52
N MET A 161 16.91 -6.54 24.47
CA MET A 161 15.88 -7.52 24.25
C MET A 161 16.31 -8.77 25.06
N ASN A 162 15.62 -9.09 26.16
CA ASN A 162 15.91 -10.26 27.00
C ASN A 162 15.09 -11.52 26.64
N GLU A 163 15.35 -12.65 27.31
CA GLU A 163 14.75 -13.90 26.93
C GLU A 163 13.26 -13.81 27.07
N ASP A 164 12.77 -12.97 27.95
CA ASP A 164 11.36 -12.88 28.20
C ASP A 164 10.75 -11.65 27.59
N GLY A 165 11.54 -10.92 26.81
CA GLY A 165 11.07 -9.71 26.15
C GLY A 165 11.92 -8.53 26.50
N PRO A 166 11.51 -7.31 26.10
CA PRO A 166 12.29 -6.14 26.35
C PRO A 166 12.47 -5.89 27.88
N ASP A 167 13.59 -5.27 28.24
CA ASP A 167 13.91 -4.98 29.65
C ASP A 167 12.87 -3.94 30.14
N MET A 168 11.91 -4.43 30.91
CA MET A 168 10.73 -3.58 31.31
C MET A 168 11.06 -2.54 32.37
N ASP A 169 12.12 -2.76 33.18
CA ASP A 169 12.64 -1.69 34.03
C ASP A 169 13.08 -0.50 33.19
N ALA A 170 13.77 -0.80 32.08
CA ALA A 170 14.26 0.26 31.25
C ALA A 170 13.09 0.91 30.49
N VAL A 171 12.23 0.11 29.91
CA VAL A 171 11.07 0.65 29.16
C VAL A 171 10.15 1.50 30.06
N GLU A 172 9.78 0.97 31.23
CA GLU A 172 8.89 1.68 32.19
C GLU A 172 9.47 3.00 32.59
N GLU A 173 10.79 3.06 32.73
CA GLU A 173 11.46 4.36 32.94
C GLU A 173 11.38 5.32 31.72
N LEU A 174 11.78 4.81 30.54
CA LEU A 174 11.83 5.62 29.35
C LEU A 174 10.47 6.22 28.95
N VAL A 175 9.38 5.48 29.14
CA VAL A 175 8.03 5.96 28.72
C VAL A 175 7.52 7.10 29.59
N LYS A 176 8.21 7.39 30.70
CA LYS A 176 7.84 8.53 31.60
C LYS A 176 8.26 9.86 31.03
N ASN A 177 9.09 9.83 29.98
CA ASN A 177 9.48 10.96 29.21
C ASN A 177 8.40 11.19 28.12
N PRO A 178 7.78 12.42 28.07
CA PRO A 178 6.71 12.67 27.10
C PRO A 178 7.22 12.80 25.65
N GLN A 179 8.52 12.97 25.47
CA GLN A 179 9.09 12.93 24.11
C GLN A 179 8.94 11.52 23.46
N VAL A 180 8.79 10.49 24.29
CA VAL A 180 8.77 9.10 23.85
C VAL A 180 7.38 8.76 23.29
N LYS A 181 7.27 8.62 21.96
CA LYS A 181 5.94 8.33 21.31
C LYS A 181 5.65 6.89 20.97
N GLY A 182 6.69 6.02 20.98
CA GLY A 182 6.35 4.64 20.86
C GLY A 182 7.53 3.72 20.90
N MET A 183 7.24 2.47 20.57
CA MET A 183 8.24 1.43 20.60
C MET A 183 7.95 0.30 19.56
N TRP A 184 9.04 -0.34 19.18
CA TRP A 184 9.00 -1.51 18.35
C TRP A 184 9.13 -2.73 19.22
N VAL A 185 8.39 -3.79 18.91
CA VAL A 185 8.77 -5.09 19.39
C VAL A 185 8.36 -6.19 18.45
N VAL A 186 9.19 -7.23 18.32
CA VAL A 186 8.76 -8.46 17.67
C VAL A 186 8.63 -9.44 18.84
N PRO A 187 7.37 -9.78 19.24
CA PRO A 187 7.07 -10.43 20.51
C PRO A 187 7.19 -11.92 20.60
N VAL A 188 7.36 -12.62 19.46
CA VAL A 188 7.41 -14.11 19.42
C VAL A 188 8.55 -14.45 18.47
N PHE A 189 9.48 -15.26 18.94
CA PHE A 189 10.63 -15.64 18.11
C PHE A 189 11.26 -14.42 17.46
N SER A 190 11.69 -13.45 18.27
CA SER A 190 12.01 -12.12 17.81
C SER A 190 13.13 -12.12 16.81
N ASN A 191 13.03 -11.25 15.85
CA ASN A 191 14.09 -11.12 14.89
C ASN A 191 15.15 -10.21 15.55
N PRO A 192 16.38 -10.67 15.81
CA PRO A 192 16.94 -11.98 15.43
C PRO A 192 17.18 -12.92 16.64
N THR A 193 16.82 -12.47 17.84
CA THR A 193 17.17 -13.25 19.08
C THR A 193 16.40 -14.54 19.30
N GLY A 194 15.23 -14.66 18.69
CA GLY A 194 14.32 -15.82 18.91
C GLY A 194 13.52 -15.69 20.21
N PHE A 195 13.73 -14.62 20.95
CA PHE A 195 13.09 -14.50 22.28
C PHE A 195 11.61 -14.11 22.12
N THR A 196 10.85 -14.47 23.15
CA THR A 196 9.40 -14.38 23.16
C THR A 196 8.93 -13.67 24.42
N VAL A 197 8.11 -12.65 24.25
CA VAL A 197 7.51 -11.90 25.35
C VAL A 197 6.63 -12.86 26.21
N THR A 198 6.90 -12.85 27.53
CA THR A 198 6.10 -13.63 28.47
C THR A 198 4.79 -12.89 28.81
N GLU A 199 3.87 -13.61 29.40
CA GLU A 199 2.60 -12.99 29.87
C GLU A 199 2.87 -11.85 30.84
N ASP A 200 3.84 -12.05 31.73
CA ASP A 200 4.21 -11.02 32.75
C ASP A 200 4.75 -9.74 32.10
N VAL A 201 5.56 -9.91 31.06
CA VAL A 201 6.11 -8.73 30.36
C VAL A 201 5.02 -7.99 29.56
N ALA A 202 4.16 -8.73 28.86
CA ALA A 202 2.96 -8.15 28.17
C ALA A 202 2.03 -7.36 29.09
N LYS A 203 1.74 -7.95 30.26
CA LYS A 203 1.01 -7.24 31.31
C LYS A 203 1.66 -5.95 31.76
N ARG A 204 2.96 -5.96 31.98
CA ARG A 204 3.70 -4.74 32.28
C ARG A 204 3.64 -3.69 31.14
N LEU A 205 3.82 -4.13 29.88
CA LEU A 205 3.67 -3.20 28.75
C LEU A 205 2.25 -2.66 28.72
N SER A 206 1.26 -3.51 29.01
CA SER A 206 -0.15 -3.07 28.96
C SER A 206 -0.51 -2.15 30.09
N ALA A 207 0.03 -2.40 31.29
CA ALA A 207 -0.31 -1.54 32.48
C ALA A 207 0.56 -0.34 32.72
N MET A 208 1.75 -0.22 32.11
CA MET A 208 2.61 0.87 32.45
C MET A 208 2.02 2.22 32.12
N GLU A 209 2.40 3.22 32.92
CA GLU A 209 2.02 4.59 32.72
C GLU A 209 2.98 5.27 31.75
N THR A 210 2.46 5.99 30.79
CA THR A 210 3.31 6.73 29.86
C THR A 210 2.99 8.18 29.97
N ALA A 211 4.02 9.00 29.75
CA ALA A 211 3.87 10.44 29.76
C ALA A 211 3.17 11.01 28.50
N ALA A 212 3.46 10.46 27.32
CA ALA A 212 2.67 10.80 26.15
C ALA A 212 1.27 10.18 26.24
N PRO A 213 0.23 10.99 25.97
CA PRO A 213 -1.14 10.47 25.88
C PRO A 213 -1.38 9.57 24.67
N ASP A 214 -0.50 9.66 23.67
CA ASP A 214 -0.71 9.03 22.37
C ASP A 214 0.38 8.04 21.99
N PHE A 215 1.04 7.50 23.02
CA PHE A 215 2.11 6.52 22.90
C PHE A 215 1.56 5.22 22.28
N ARG A 216 2.39 4.61 21.43
CA ARG A 216 2.03 3.37 20.74
C ARG A 216 3.15 2.33 20.79
N VAL A 217 2.76 1.10 21.10
CA VAL A 217 3.60 -0.06 20.95
C VAL A 217 3.24 -0.73 19.60
N VAL A 218 4.24 -0.84 18.77
CA VAL A 218 4.09 -1.73 17.56
C VAL A 218 4.45 -3.13 17.99
N TRP A 219 3.44 -3.98 18.05
CA TRP A 219 3.56 -5.35 18.41
C TRP A 219 3.53 -6.12 17.08
N ASP A 220 4.71 -6.33 16.52
CA ASP A 220 4.81 -6.93 15.17
C ASP A 220 5.07 -8.39 15.34
N ASN A 221 3.97 -9.10 15.41
CA ASN A 221 3.98 -10.51 15.65
C ASN A 221 4.17 -11.28 14.33
N ALA A 222 5.29 -10.97 13.66
CA ALA A 222 5.68 -11.52 12.37
C ALA A 222 5.92 -13.04 12.37
N TYR A 223 6.19 -13.64 13.53
CA TYR A 223 6.44 -15.09 13.65
C TYR A 223 5.45 -15.80 14.57
N ALA A 224 4.22 -15.28 14.59
CA ALA A 224 3.15 -15.74 15.50
C ALA A 224 2.89 -17.24 15.52
N VAL A 225 3.08 -17.91 14.38
CA VAL A 225 2.93 -19.33 14.25
C VAL A 225 4.12 -20.09 13.67
N HIS A 226 5.29 -19.48 13.74
CA HIS A 226 6.37 -19.92 12.90
C HIS A 226 7.34 -20.73 13.70
N THR A 227 6.81 -21.81 14.26
CA THR A 227 7.59 -22.79 15.06
C THR A 227 8.52 -23.68 14.26
N LEU A 228 9.64 -24.09 14.85
CA LEU A 228 10.49 -25.14 14.32
C LEU A 228 10.08 -26.51 14.85
N THR A 229 9.20 -26.55 15.83
CA THR A 229 8.85 -27.81 16.54
C THR A 229 7.42 -28.21 16.24
N ASP A 230 6.89 -29.21 16.98
CA ASP A 230 5.45 -29.52 16.97
C ASP A 230 4.64 -28.54 17.82
N GLU A 231 5.27 -27.73 18.66
CA GLU A 231 4.48 -26.87 19.52
C GLU A 231 4.29 -25.49 18.90
N PHE A 232 3.08 -24.98 18.97
CA PHE A 232 2.78 -23.58 18.56
C PHE A 232 2.89 -22.66 19.76
N PRO A 233 3.52 -21.47 19.57
CA PRO A 233 3.68 -20.57 20.73
C PRO A 233 2.40 -19.95 21.13
N GLU A 234 2.32 -19.53 22.40
CA GLU A 234 1.12 -18.88 22.90
C GLU A 234 0.96 -17.57 22.13
N VAL A 235 -0.28 -17.29 21.78
CA VAL A 235 -0.63 -16.00 21.22
C VAL A 235 -1.28 -15.14 22.31
N ILE A 236 -0.53 -14.21 22.87
CA ILE A 236 -1.10 -13.33 23.90
C ILE A 236 -2.05 -12.37 23.18
N ASP A 237 -3.30 -12.20 23.69
CA ASP A 237 -4.21 -11.27 23.08
C ASP A 237 -3.82 -9.92 23.61
N ILE A 238 -2.88 -9.27 22.93
CA ILE A 238 -2.24 -8.09 23.51
C ILE A 238 -3.19 -6.88 23.50
N VAL A 239 -4.01 -6.80 22.44
CA VAL A 239 -4.99 -5.73 22.32
C VAL A 239 -6.00 -5.83 23.52
N GLY A 240 -6.53 -7.01 23.77
CA GLY A 240 -7.31 -7.30 25.00
C GLY A 240 -6.64 -6.92 26.31
N LEU A 241 -5.36 -7.26 26.46
CA LEU A 241 -4.63 -6.89 27.69
C LEU A 241 -4.57 -5.41 27.83
N GLY A 242 -4.31 -4.69 26.74
CA GLY A 242 -4.34 -3.25 26.80
C GLY A 242 -5.73 -2.72 27.23
N GLU A 243 -6.80 -3.28 26.66
CA GLU A 243 -8.20 -2.96 27.00
C GLU A 243 -8.44 -3.21 28.54
N ALA A 244 -8.11 -4.41 29.05
CA ALA A 244 -8.29 -4.77 30.48
C ALA A 244 -7.56 -3.89 31.41
N ALA A 245 -6.38 -3.45 31.03
CA ALA A 245 -5.61 -2.53 31.85
C ALA A 245 -6.05 -1.07 31.80
N GLY A 246 -7.03 -0.70 31.01
CA GLY A 246 -7.40 0.71 30.93
C GLY A 246 -6.59 1.51 29.93
N ASN A 247 -5.75 0.84 29.11
CA ASN A 247 -5.07 1.51 27.98
C ASN A 247 -5.47 0.86 26.60
N PRO A 248 -6.76 0.91 26.24
CA PRO A 248 -7.20 0.19 25.10
C PRO A 248 -6.47 0.55 23.79
N ASN A 249 -5.98 1.77 23.63
CA ASN A 249 -5.45 2.18 22.33
C ASN A 249 -3.93 1.99 22.22
N ARG A 250 -3.31 1.37 23.24
CA ARG A 250 -1.86 1.34 23.33
C ARG A 250 -1.18 0.57 22.18
N PHE A 251 -1.77 -0.55 21.76
CA PHE A 251 -1.11 -1.52 20.87
C PHE A 251 -1.62 -1.49 19.41
N TRP A 252 -0.65 -1.32 18.54
CA TRP A 252 -0.84 -1.51 17.12
C TRP A 252 -0.18 -2.86 16.81
N ALA A 253 -0.98 -3.91 16.56
CA ALA A 253 -0.46 -5.27 16.43
C ALA A 253 -0.55 -5.71 14.98
N PHE A 254 0.47 -6.43 14.53
CA PHE A 254 0.55 -6.86 13.11
C PHE A 254 0.98 -8.29 13.01
N THR A 255 0.56 -8.88 11.89
CA THR A 255 1.18 -10.12 11.47
C THR A 255 0.94 -10.26 9.94
N SER A 256 1.45 -11.31 9.32
CA SER A 256 1.24 -11.54 7.89
C SER A 256 1.50 -12.98 7.52
N THR A 257 1.19 -13.28 6.26
CA THR A 257 1.39 -14.58 5.67
C THR A 257 2.64 -14.63 4.83
N SER A 258 3.56 -13.67 4.95
CA SER A 258 4.66 -13.54 4.00
C SER A 258 5.58 -14.76 4.12
N LYS A 259 5.74 -15.33 5.32
CA LYS A 259 6.52 -16.56 5.49
C LYS A 259 5.60 -17.75 5.76
N ILE A 260 4.37 -17.66 5.30
CA ILE A 260 3.41 -18.76 5.35
C ILE A 260 3.11 -19.20 3.94
N THR A 261 2.78 -18.22 3.03
CA THR A 261 2.40 -18.52 1.64
C THR A 261 3.49 -17.99 0.73
N LEU A 262 3.45 -16.70 0.44
CA LEU A 262 4.28 -16.09 -0.58
C LEU A 262 4.87 -14.83 -0.04
N ALA A 263 6.17 -14.73 -0.13
CA ALA A 263 6.88 -13.63 0.53
C ALA A 263 6.86 -12.38 -0.34
N GLY A 264 6.02 -11.42 0.02
CA GLY A 264 5.70 -10.29 -0.90
C GLY A 264 4.36 -10.28 -1.62
N ALA A 265 3.61 -11.38 -1.51
CA ALA A 265 2.32 -11.54 -2.19
C ALA A 265 1.30 -12.18 -1.33
N GLY A 266 1.55 -12.15 -0.05
CA GLY A 266 0.62 -12.66 0.95
C GLY A 266 -0.42 -11.63 1.38
N VAL A 267 -0.94 -11.82 2.59
CA VAL A 267 -1.91 -10.94 3.18
C VAL A 267 -1.34 -10.47 4.52
N SER A 268 -1.52 -9.18 4.80
CA SER A 268 -1.10 -8.58 6.09
C SER A 268 -2.33 -8.35 6.97
N PHE A 269 -2.11 -8.26 8.29
CA PHE A 269 -3.15 -8.03 9.25
C PHE A 269 -2.72 -6.95 10.21
N PHE A 270 -3.71 -6.13 10.64
CA PHE A 270 -3.52 -5.04 11.57
C PHE A 270 -4.63 -5.28 12.64
N LEU A 271 -4.19 -5.59 13.86
CA LEU A 271 -5.07 -5.83 15.03
C LEU A 271 -4.91 -4.70 16.00
N THR A 272 -6.02 -4.05 16.35
CA THR A 272 -5.97 -2.88 17.18
C THR A 272 -7.37 -2.56 17.71
N SER A 273 -7.43 -1.62 18.62
CA SER A 273 -8.72 -1.30 19.29
C SER A 273 -9.72 -0.61 18.39
N ALA A 274 -10.98 -0.62 18.83
CA ALA A 274 -12.08 0.03 18.08
C ALA A 274 -11.76 1.44 17.65
N GLU A 275 -11.27 2.25 18.60
CA GLU A 275 -11.01 3.63 18.27
C GLU A 275 -9.81 3.75 17.30
N ASN A 276 -8.80 2.89 17.47
CA ASN A 276 -7.63 2.95 16.54
C ASN A 276 -8.05 2.51 15.09
N ARG A 277 -8.95 1.51 15.00
CA ARG A 277 -9.38 1.01 13.71
C ARG A 277 -10.16 2.10 12.97
N LYS A 278 -11.04 2.84 13.67
CA LYS A 278 -11.79 3.94 13.03
C LYS A 278 -10.85 5.02 12.57
N TRP A 279 -9.84 5.34 13.39
CA TRP A 279 -8.83 6.31 12.96
C TRP A 279 -8.11 5.84 11.69
N TYR A 280 -7.64 4.60 11.75
CA TYR A 280 -6.88 4.02 10.63
C TYR A 280 -7.73 4.00 9.31
N THR A 281 -8.96 3.48 9.38
CA THR A 281 -9.74 3.34 8.16
C THR A 281 -10.21 4.70 7.65
N GLY A 282 -10.45 5.66 8.57
CA GLY A 282 -10.75 7.00 8.14
C GLY A 282 -9.62 7.63 7.30
N HIS A 283 -8.35 7.39 7.65
CA HIS A 283 -7.22 7.86 6.83
C HIS A 283 -6.98 6.95 5.60
N ALA A 284 -7.13 5.65 5.80
CA ALA A 284 -6.93 4.68 4.66
C ALA A 284 -7.94 4.88 3.52
N GLY A 285 -9.17 5.31 3.85
CA GLY A 285 -10.21 5.59 2.91
C GLY A 285 -10.02 6.85 2.05
N ILE A 286 -9.11 7.73 2.46
CA ILE A 286 -8.64 8.85 1.65
C ILE A 286 -7.43 8.37 0.79
N ARG A 287 -6.61 7.51 1.33
CA ARG A 287 -5.46 6.95 0.57
C ARG A 287 -5.93 6.04 -0.61
N GLY A 288 -7.07 5.40 -0.43
CA GLY A 288 -7.60 4.58 -1.50
C GLY A 288 -8.94 3.95 -1.20
N ILE A 289 -9.33 3.06 -2.11
CA ILE A 289 -10.66 2.45 -2.03
C ILE A 289 -10.66 1.20 -1.19
N GLY A 290 -9.51 0.52 -1.04
CA GLY A 290 -9.39 -0.55 -0.10
C GLY A 290 -8.47 -1.62 -0.63
N PRO A 291 -8.26 -2.66 0.17
CA PRO A 291 -7.22 -3.61 -0.13
C PRO A 291 -7.69 -4.65 -1.15
N ASN A 292 -6.73 -5.47 -1.60
CA ASN A 292 -6.98 -6.49 -2.62
C ASN A 292 -7.78 -7.69 -2.00
N LYS A 293 -9.07 -7.75 -2.32
CA LYS A 293 -9.95 -8.76 -1.80
C LYS A 293 -9.79 -10.16 -2.49
N VAL A 294 -9.32 -10.14 -3.71
CA VAL A 294 -9.18 -11.36 -4.48
C VAL A 294 -8.06 -12.21 -3.85
N ASN A 295 -6.92 -11.56 -3.59
CA ASN A 295 -5.80 -12.27 -2.92
C ASN A 295 -6.20 -12.78 -1.50
N GLN A 296 -7.07 -12.01 -0.83
CA GLN A 296 -7.60 -12.46 0.46
C GLN A 296 -8.48 -13.72 0.31
N LEU A 297 -9.35 -13.73 -0.66
CA LEU A 297 -10.18 -14.94 -0.94
C LEU A 297 -9.31 -16.12 -1.38
N ALA A 298 -8.32 -15.87 -2.20
CA ALA A 298 -7.34 -16.92 -2.55
C ALA A 298 -6.73 -17.58 -1.34
N HIS A 299 -6.28 -16.75 -0.40
CA HIS A 299 -5.74 -17.20 0.85
C HIS A 299 -6.72 -18.01 1.69
N ALA A 300 -7.97 -17.49 1.86
CA ALA A 300 -8.98 -18.16 2.62
C ALA A 300 -9.27 -19.57 2.05
N ARG A 301 -9.34 -19.63 0.72
CA ARG A 301 -9.53 -20.93 0.02
C ARG A 301 -8.35 -21.89 0.20
N TYR A 302 -7.14 -21.37 0.15
CA TYR A 302 -5.96 -22.18 0.32
C TYR A 302 -5.97 -22.83 1.71
N PHE A 303 -6.18 -22.02 2.75
CA PHE A 303 -6.09 -22.56 4.09
C PHE A 303 -7.32 -23.32 4.55
N GLY A 304 -8.48 -22.78 4.19
CA GLY A 304 -9.77 -23.24 4.61
C GLY A 304 -10.15 -22.86 6.02
N ASP A 305 -9.28 -23.16 6.98
CA ASP A 305 -9.50 -22.77 8.37
C ASP A 305 -8.17 -22.58 9.06
N ALA A 306 -8.18 -22.18 10.32
CA ALA A 306 -6.99 -22.04 11.11
C ALA A 306 -6.14 -23.33 11.21
N GLU A 307 -6.78 -24.50 11.37
CA GLU A 307 -6.00 -25.75 11.41
C GLU A 307 -5.21 -25.88 10.10
N GLY A 308 -5.82 -25.49 8.98
CA GLY A 308 -5.14 -25.50 7.67
C GLY A 308 -3.87 -24.63 7.65
N VAL A 309 -3.92 -23.49 8.35
CA VAL A 309 -2.71 -22.65 8.53
C VAL A 309 -1.65 -23.45 9.35
N ARG A 310 -2.02 -24.02 10.48
CA ARG A 310 -1.07 -24.80 11.27
C ARG A 310 -0.43 -25.95 10.47
N ALA A 311 -1.22 -26.60 9.61
CA ALA A 311 -0.76 -27.70 8.76
C ALA A 311 0.34 -27.20 7.82
N VAL A 312 0.15 -26.02 7.26
CA VAL A 312 1.19 -25.40 6.45
C VAL A 312 2.42 -25.07 7.30
N MET A 313 2.22 -24.57 8.55
CA MET A 313 3.35 -24.26 9.36
C MET A 313 4.22 -25.47 9.75
N ARG A 314 3.61 -26.64 9.88
CA ARG A 314 4.35 -27.88 10.10
C ARG A 314 5.23 -28.23 8.91
N LYS A 315 4.81 -27.94 7.68
CA LYS A 315 5.69 -28.12 6.54
C LYS A 315 6.91 -27.21 6.53
N HIS A 316 6.69 -25.92 6.81
CA HIS A 316 7.80 -24.98 6.97
C HIS A 316 8.78 -25.48 8.06
N ALA A 317 8.24 -25.92 9.22
CA ALA A 317 9.08 -26.39 10.33
C ALA A 317 9.93 -27.55 9.86
N ALA A 318 9.32 -28.50 9.17
CA ALA A 318 10.07 -29.67 8.67
C ALA A 318 11.12 -29.29 7.67
N SER A 319 10.89 -28.24 6.87
CA SER A 319 11.91 -27.74 5.97
C SER A 319 13.04 -26.92 6.67
N LEU A 320 12.67 -26.12 7.64
CA LEU A 320 13.67 -25.26 8.32
C LEU A 320 14.47 -25.95 9.42
N ALA A 321 13.84 -26.88 10.16
CA ALA A 321 14.51 -27.51 11.28
C ALA A 321 15.95 -28.03 10.93
N PRO A 322 16.14 -28.78 9.82
CA PRO A 322 17.50 -29.33 9.65
C PRO A 322 18.54 -28.24 9.37
N LYS A 323 18.09 -27.08 8.86
CA LYS A 323 18.97 -25.98 8.57
C LYS A 323 19.46 -25.29 9.86
N PHE A 324 18.54 -24.99 10.74
CA PHE A 324 18.90 -24.48 12.07
C PHE A 324 19.79 -25.51 12.82
N ASN A 325 19.45 -26.79 12.71
CA ASN A 325 20.22 -27.84 13.41
C ASN A 325 21.65 -27.87 12.91
N LYS A 326 21.88 -27.75 11.61
CA LYS A 326 23.23 -27.75 11.05
C LYS A 326 24.05 -26.60 11.56
N VAL A 327 23.45 -25.41 11.58
CA VAL A 327 24.13 -24.20 12.03
C VAL A 327 24.55 -24.31 13.51
N LEU A 328 23.62 -24.76 14.33
CA LEU A 328 23.82 -25.00 15.74
C LEU A 328 24.89 -26.10 16.02
N GLU A 329 24.79 -27.21 15.31
CA GLU A 329 25.77 -28.28 15.37
C GLU A 329 27.20 -27.82 15.09
N ILE A 330 27.39 -26.99 14.05
CA ILE A 330 28.70 -26.46 13.66
C ILE A 330 29.28 -25.45 14.66
N LEU A 331 28.44 -24.53 15.11
CA LEU A 331 28.83 -23.58 16.12
C LEU A 331 29.33 -24.30 17.38
N ASP A 332 28.60 -25.31 17.79
CA ASP A 332 28.96 -26.15 18.96
C ASP A 332 30.31 -26.88 18.74
N SER A 333 30.46 -27.64 17.67
CA SER A 333 31.64 -28.38 17.44
C SER A 333 32.90 -27.51 17.26
N ARG A 334 32.80 -26.35 16.59
CA ARG A 334 33.97 -25.49 16.36
C ARG A 334 34.30 -24.52 17.51
N LEU A 335 33.29 -24.00 18.21
CA LEU A 335 33.52 -22.85 19.11
C LEU A 335 33.37 -23.16 20.60
N ALA A 336 32.63 -24.19 20.95
CA ALA A 336 32.30 -24.50 22.36
C ALA A 336 33.45 -24.44 23.38
N GLU A 337 34.54 -25.07 23.03
CA GLU A 337 35.71 -25.18 23.93
C GLU A 337 36.44 -23.85 24.20
N TYR A 338 36.20 -22.82 23.37
CA TYR A 338 37.02 -21.62 23.39
C TYR A 338 36.46 -20.45 24.17
N GLY A 339 35.16 -20.42 24.50
CA GLY A 339 34.65 -19.31 25.29
C GLY A 339 34.66 -17.97 24.56
N VAL A 340 34.52 -17.99 23.24
CA VAL A 340 34.61 -16.75 22.43
C VAL A 340 33.28 -16.19 22.01
N ALA A 341 32.26 -17.02 21.98
CA ALA A 341 30.97 -16.67 21.40
C ALA A 341 29.80 -17.27 22.11
N GLN A 342 28.68 -16.57 22.00
CA GLN A 342 27.42 -17.10 22.55
C GLN A 342 26.43 -16.98 21.43
N TRP A 343 25.54 -17.95 21.30
CA TRP A 343 24.54 -17.89 20.25
C TRP A 343 23.21 -18.35 20.85
N THR A 344 22.14 -17.81 20.30
CA THR A 344 20.82 -18.22 20.63
C THR A 344 20.49 -19.59 20.07
N VAL A 345 19.61 -20.28 20.77
CA VAL A 345 19.05 -21.53 20.34
C VAL A 345 17.51 -21.37 20.20
N PRO A 346 17.03 -20.91 19.05
CA PRO A 346 15.64 -20.50 18.90
C PRO A 346 14.75 -21.72 18.61
N ALA A 347 13.49 -21.62 18.97
CA ALA A 347 12.53 -22.73 18.73
C ALA A 347 11.51 -22.34 17.68
N GLY A 348 11.82 -21.22 16.99
CA GLY A 348 10.98 -20.67 15.94
C GLY A 348 11.63 -19.43 15.32
N GLY A 349 10.91 -18.80 14.40
CA GLY A 349 11.46 -17.68 13.67
C GLY A 349 12.47 -18.03 12.60
N TYR A 350 13.23 -17.01 12.16
CA TYR A 350 14.02 -17.13 10.93
C TYR A 350 15.53 -16.92 11.14
N PHE A 351 15.97 -16.72 12.39
CA PHE A 351 17.34 -16.28 12.65
C PHE A 351 17.99 -16.95 13.86
N ILE A 352 19.33 -16.98 13.83
CA ILE A 352 20.16 -17.27 14.98
C ILE A 352 20.97 -16.00 15.22
N SER A 353 21.06 -15.59 16.46
CA SER A 353 21.81 -14.37 16.84
C SER A 353 23.12 -14.82 17.44
N LEU A 354 24.22 -14.31 16.89
CA LEU A 354 25.56 -14.75 17.31
C LEU A 354 26.31 -13.56 17.91
N ASP A 355 26.76 -13.67 19.17
CA ASP A 355 27.60 -12.64 19.80
C ASP A 355 29.06 -13.14 19.84
N VAL A 356 29.97 -12.37 19.28
CA VAL A 356 31.39 -12.79 19.22
C VAL A 356 32.16 -11.95 20.24
N VAL A 357 33.48 -12.00 20.23
CA VAL A 357 34.22 -11.17 21.16
C VAL A 357 33.89 -9.69 20.90
N PRO A 358 33.55 -8.92 21.97
CA PRO A 358 33.23 -7.50 21.79
C PRO A 358 34.41 -6.76 21.20
N GLY A 359 34.13 -5.98 20.17
CA GLY A 359 35.15 -5.30 19.40
C GLY A 359 35.55 -6.02 18.13
N THR A 360 35.00 -7.22 17.84
CA THR A 360 35.43 -8.03 16.68
C THR A 360 34.37 -8.36 15.63
N ALA A 361 33.11 -8.00 15.85
CA ALA A 361 32.05 -8.40 14.88
C ALA A 361 32.31 -7.87 13.46
N SER A 362 32.69 -6.60 13.33
CA SER A 362 33.03 -6.05 12.04
C SER A 362 34.20 -6.82 11.39
N ARG A 363 35.17 -7.23 12.19
CA ARG A 363 36.33 -8.04 11.65
C ARG A 363 35.88 -9.43 11.19
N VAL A 364 34.98 -10.05 11.96
CA VAL A 364 34.43 -11.36 11.57
C VAL A 364 33.78 -11.26 10.22
N ALA A 365 32.96 -10.24 10.02
CA ALA A 365 32.25 -10.11 8.77
C ALA A 365 33.23 -9.76 7.63
N GLU A 366 34.26 -8.99 7.93
CA GLU A 366 35.30 -8.70 6.94
C GLU A 366 36.07 -9.97 6.52
N LEU A 367 36.47 -10.75 7.50
CA LEU A 367 37.16 -12.03 7.22
C LEU A 367 36.28 -12.99 6.45
N ALA A 368 35.01 -13.04 6.84
CA ALA A 368 34.10 -13.93 6.14
C ALA A 368 33.99 -13.49 4.67
N LYS A 369 33.88 -12.19 4.44
CA LYS A 369 33.85 -11.70 3.09
C LYS A 369 35.14 -12.06 2.25
N GLU A 370 36.32 -11.92 2.84
CA GLU A 370 37.56 -12.29 2.19
C GLU A 370 37.56 -13.80 1.80
N ALA A 371 36.87 -14.60 2.60
CA ALA A 371 36.68 -16.03 2.39
C ALA A 371 35.47 -16.41 1.52
N GLY A 372 34.80 -15.44 0.89
CA GLY A 372 33.64 -15.70 0.05
C GLY A 372 32.32 -15.99 0.77
N ILE A 373 32.18 -15.60 2.04
CA ILE A 373 30.95 -15.88 2.80
C ILE A 373 30.34 -14.54 3.20
N ALA A 374 29.14 -14.25 2.71
CA ALA A 374 28.45 -13.01 3.04
C ALA A 374 27.67 -13.14 4.36
N LEU A 375 28.03 -12.30 5.32
CA LEU A 375 27.32 -12.13 6.56
C LEU A 375 26.70 -10.72 6.60
N THR A 376 25.58 -10.60 7.31
CA THR A 376 24.95 -9.31 7.47
C THR A 376 25.97 -8.51 8.22
N GLY A 377 26.14 -7.24 7.92
CA GLY A 377 27.18 -6.45 8.60
C GLY A 377 26.99 -6.28 10.11
N ALA A 378 28.10 -6.04 10.82
CA ALA A 378 28.07 -5.59 12.24
C ALA A 378 27.15 -4.38 12.47
N GLY A 379 26.43 -4.35 13.56
CA GLY A 379 25.37 -3.32 13.78
C GLY A 379 24.07 -3.39 12.97
N SER A 380 23.93 -4.35 12.02
CA SER A 380 22.71 -4.37 11.19
C SER A 380 21.44 -4.57 11.99
N SER A 381 21.51 -5.21 13.16
CA SER A 381 20.34 -5.36 14.03
C SER A 381 20.16 -4.22 15.11
N TYR A 382 20.75 -3.07 14.86
CA TYR A 382 20.79 -1.95 15.84
C TYR A 382 20.40 -0.67 15.14
N PRO A 383 19.81 0.27 15.90
CA PRO A 383 19.41 1.55 15.25
C PRO A 383 20.65 2.25 14.73
N LEU A 384 20.50 2.87 13.56
CA LEU A 384 21.53 3.54 12.81
C LEU A 384 22.71 2.62 12.54
N ARG A 385 22.48 1.31 12.55
CA ARG A 385 23.58 0.35 12.41
C ARG A 385 24.78 0.49 13.39
N GLN A 386 24.54 0.86 14.66
CA GLN A 386 25.54 1.13 15.70
C GLN A 386 25.32 0.19 16.85
N ASP A 387 26.05 -0.92 16.87
CA ASP A 387 26.08 -1.85 18.04
C ASP A 387 27.25 -1.30 18.86
N PRO A 388 26.97 -0.75 20.07
CA PRO A 388 28.05 -0.11 20.83
C PRO A 388 29.15 -1.09 21.33
N GLU A 389 28.89 -2.40 21.30
CA GLU A 389 29.90 -3.38 21.68
C GLU A 389 30.54 -4.07 20.50
N ASN A 390 30.09 -3.78 19.26
CA ASN A 390 30.64 -4.44 18.05
C ASN A 390 30.81 -5.94 18.30
N LYS A 391 29.71 -6.61 18.66
CA LYS A 391 29.77 -7.99 19.02
C LYS A 391 28.75 -8.87 18.27
N ASN A 392 27.62 -8.30 17.81
CA ASN A 392 26.51 -9.11 17.38
C ASN A 392 26.56 -9.35 15.85
N LEU A 393 26.22 -10.56 15.46
CA LEU A 393 26.01 -10.91 14.07
C LEU A 393 24.70 -11.68 13.96
N ARG A 394 23.97 -11.46 12.87
CA ARG A 394 22.70 -12.15 12.57
C ARG A 394 23.00 -13.29 11.58
N LEU A 395 22.53 -14.51 11.85
CA LEU A 395 22.62 -15.65 10.90
C LEU A 395 21.23 -16.05 10.38
N ALA A 396 21.12 -16.19 9.05
CA ALA A 396 19.85 -16.46 8.40
C ALA A 396 19.94 -17.87 7.75
N PRO A 397 19.46 -18.94 8.42
CA PRO A 397 19.59 -20.30 7.86
C PRO A 397 18.60 -20.77 6.79
N SER A 398 17.49 -20.03 6.60
CA SER A 398 16.37 -20.53 5.84
C SER A 398 16.64 -20.83 4.34
N LEU A 399 17.40 -20.01 3.63
CA LEU A 399 17.39 -20.18 2.18
C LEU A 399 18.32 -21.30 1.68
N PRO A 400 19.58 -21.33 2.10
CA PRO A 400 20.50 -22.31 1.45
C PRO A 400 20.21 -23.78 1.83
N PRO A 401 20.58 -24.73 0.96
CA PRO A 401 20.60 -26.13 1.39
C PRO A 401 21.55 -26.42 2.56
N VAL A 402 21.35 -27.52 3.24
CA VAL A 402 22.11 -27.88 4.43
C VAL A 402 23.59 -28.04 4.15
N GLU A 403 23.91 -28.60 2.99
CA GLU A 403 25.33 -28.77 2.60
C GLU A 403 26.10 -27.42 2.59
N GLU A 404 25.43 -26.38 2.10
CA GLU A 404 26.03 -25.04 2.01
C GLU A 404 26.16 -24.38 3.37
N LEU A 405 25.15 -24.59 4.20
CA LEU A 405 25.17 -24.11 5.59
C LEU A 405 26.33 -24.75 6.36
N GLU A 406 26.53 -26.06 6.21
CA GLU A 406 27.68 -26.73 6.78
C GLU A 406 29.00 -26.03 6.47
N VAL A 407 29.25 -25.80 5.17
CA VAL A 407 30.50 -25.23 4.70
C VAL A 407 30.65 -23.77 5.16
N ALA A 408 29.59 -22.99 4.95
CA ALA A 408 29.55 -21.64 5.34
C ALA A 408 29.82 -21.46 6.83
N MET A 409 29.09 -22.19 7.68
CA MET A 409 29.26 -22.01 9.14
C MET A 409 30.63 -22.48 9.67
N ASP A 410 31.17 -23.52 9.04
CA ASP A 410 32.50 -23.97 9.36
C ASP A 410 33.45 -22.82 9.13
N GLY A 411 33.27 -22.09 8.01
CA GLY A 411 34.09 -20.94 7.74
C GLY A 411 33.88 -19.78 8.68
N VAL A 412 32.59 -19.48 8.97
CA VAL A 412 32.25 -18.46 9.94
C VAL A 412 32.96 -18.72 11.23
N ALA A 413 32.88 -19.93 11.74
CA ALA A 413 33.51 -20.30 13.00
C ALA A 413 35.06 -20.04 13.01
N THR A 414 35.72 -20.37 11.93
CA THR A 414 37.12 -20.07 11.76
C THR A 414 37.37 -18.54 11.83
N CYS A 415 36.47 -17.77 11.20
CA CYS A 415 36.61 -16.33 11.21
C CYS A 415 36.43 -15.73 12.64
N VAL A 416 35.48 -16.30 13.39
CA VAL A 416 35.23 -15.88 14.77
C VAL A 416 36.54 -16.11 15.56
N LEU A 417 37.12 -17.29 15.38
CA LEU A 417 38.35 -17.64 16.13
C LEU A 417 39.57 -16.77 15.78
N LEU A 418 39.76 -16.51 14.51
CA LEU A 418 40.86 -15.68 14.02
C LEU A 418 40.73 -14.22 14.50
N ALA A 419 39.50 -13.66 14.37
CA ALA A 419 39.23 -12.34 14.88
C ALA A 419 39.49 -12.24 16.38
N ALA A 420 39.03 -13.26 17.11
CA ALA A 420 39.25 -13.31 18.56
C ALA A 420 40.78 -13.39 18.88
N ALA A 421 41.50 -14.23 18.13
CA ALA A 421 42.94 -14.41 18.32
C ALA A 421 43.69 -13.10 18.00
N GLU A 422 43.30 -12.38 16.92
CA GLU A 422 43.89 -11.07 16.62
C GLU A 422 43.67 -10.08 17.76
N HIS A 423 42.42 -10.05 18.27
CA HIS A 423 42.02 -9.14 19.31
C HIS A 423 42.77 -9.35 20.62
N TYR A 424 42.85 -10.58 21.06
CA TYR A 424 43.56 -10.83 22.29
C TYR A 424 45.10 -10.77 22.16
N ALA A 425 45.66 -11.11 21.01
CA ALA A 425 47.08 -10.96 20.73
C ALA A 425 47.53 -9.49 20.70
N ASN A 426 46.67 -8.58 20.21
CA ASN A 426 46.90 -7.11 20.13
C ASN A 426 46.87 -6.43 21.52
N HIS A 427 46.16 -6.97 22.49
CA HIS A 427 46.39 -6.58 23.89
C HIS A 427 47.84 -6.92 24.25
N VAL B 4 -40.27 25.93 -27.19
CA VAL B 4 -40.19 27.02 -26.16
C VAL B 4 -39.56 26.41 -24.88
N SER B 5 -38.63 27.12 -24.29
CA SER B 5 -37.98 26.61 -23.10
C SER B 5 -38.85 26.87 -21.87
N LEU B 6 -38.66 26.06 -20.83
CA LEU B 6 -39.38 26.23 -19.60
C LEU B 6 -39.22 27.64 -19.01
N GLN B 7 -38.02 28.24 -19.05
CA GLN B 7 -37.89 29.57 -18.49
C GLN B 7 -38.81 30.62 -19.14
N ASP B 8 -39.19 30.40 -20.39
CA ASP B 8 -40.07 31.29 -21.19
C ASP B 8 -41.56 31.06 -20.93
N PHE B 9 -41.95 29.99 -20.24
CA PHE B 9 -43.34 29.81 -19.88
C PHE B 9 -43.80 30.98 -19.00
N ASP B 10 -45.02 31.51 -19.20
CA ASP B 10 -45.60 32.51 -18.30
C ASP B 10 -46.12 31.88 -17.03
N ALA B 11 -46.53 32.69 -16.06
CA ALA B 11 -46.98 32.19 -14.77
C ALA B 11 -48.05 31.09 -14.89
N GLU B 12 -49.00 31.28 -15.77
CA GLU B 12 -50.10 30.31 -15.89
C GLU B 12 -49.61 28.95 -16.42
N ARG B 13 -48.83 29.01 -17.49
CA ARG B 13 -48.32 27.84 -18.14
C ARG B 13 -47.35 27.06 -17.25
N ILE B 14 -46.52 27.75 -16.47
CA ILE B 14 -45.55 27.07 -15.61
C ILE B 14 -46.28 26.43 -14.41
N GLY B 15 -47.38 27.06 -13.97
CA GLY B 15 -48.27 26.49 -12.94
C GLY B 15 -48.92 25.18 -13.43
N LEU B 16 -49.44 25.17 -14.65
CA LEU B 16 -49.95 23.88 -15.23
C LEU B 16 -48.83 22.83 -15.35
N PHE B 17 -47.68 23.28 -15.85
CA PHE B 17 -46.57 22.34 -15.98
C PHE B 17 -46.16 21.77 -14.59
N HIS B 18 -46.07 22.65 -13.61
CA HIS B 18 -45.71 22.27 -12.28
C HIS B 18 -46.66 21.31 -11.68
N GLU B 19 -47.97 21.55 -11.77
CA GLU B 19 -48.91 20.50 -11.25
C GLU B 19 -48.77 19.10 -11.91
N ASP B 20 -48.57 19.12 -13.21
CA ASP B 20 -48.48 17.88 -13.96
C ASP B 20 -47.17 17.15 -13.60
N ILE B 21 -46.02 17.86 -13.59
CA ILE B 21 -44.73 17.16 -13.26
C ILE B 21 -44.76 16.72 -11.80
N LYS B 22 -45.44 17.45 -10.94
CA LYS B 22 -45.55 17.06 -9.55
C LYS B 22 -46.31 15.77 -9.40
N ARG B 23 -47.37 15.63 -10.20
CA ARG B 23 -48.11 14.38 -10.21
C ARG B 23 -47.19 13.23 -10.65
N LYS B 24 -46.45 13.46 -11.70
CA LYS B 24 -45.53 12.40 -12.13
C LYS B 24 -44.54 12.02 -11.06
N PHE B 25 -44.04 13.02 -10.34
CA PHE B 25 -43.11 12.78 -9.27
C PHE B 25 -43.73 11.95 -8.16
N ASP B 26 -44.98 12.28 -7.79
CA ASP B 26 -45.73 11.46 -6.84
C ASP B 26 -45.89 10.04 -7.29
N GLU B 27 -46.17 9.84 -8.60
CA GLU B 27 -46.25 8.52 -9.19
C GLU B 27 -44.90 7.77 -9.16
N LEU B 28 -43.83 8.51 -9.44
CA LEU B 28 -42.46 7.97 -9.25
C LEU B 28 -42.19 7.49 -7.82
N LYS B 29 -42.51 8.29 -6.79
CA LYS B 29 -42.30 7.86 -5.41
C LYS B 29 -43.11 6.62 -5.03
N SER B 30 -44.32 6.52 -5.58
CA SER B 30 -45.19 5.38 -5.33
C SER B 30 -44.62 4.05 -5.79
N LYS B 31 -43.64 4.11 -6.68
CA LYS B 31 -42.96 2.88 -7.12
C LYS B 31 -42.04 2.24 -6.06
N ASN B 32 -41.66 2.96 -5.01
CA ASN B 32 -40.79 2.40 -3.96
C ASN B 32 -39.48 1.83 -4.55
N LEU B 33 -38.86 2.60 -5.45
CA LEU B 33 -37.65 2.21 -6.14
C LEU B 33 -36.48 2.15 -5.16
N LYS B 34 -35.48 1.40 -5.52
CA LYS B 34 -34.19 1.36 -4.80
C LYS B 34 -33.11 1.15 -5.88
N LEU B 35 -32.69 2.28 -6.45
CA LEU B 35 -31.76 2.29 -7.60
C LEU B 35 -30.63 3.28 -7.27
N ASP B 36 -29.50 3.16 -7.94
CA ASP B 36 -28.29 3.84 -7.50
C ASP B 36 -27.46 4.20 -8.75
N LEU B 37 -27.20 5.49 -8.98
CA LEU B 37 -26.38 5.90 -10.13
C LEU B 37 -25.10 6.58 -9.62
N THR B 38 -24.62 6.19 -8.44
CA THR B 38 -23.54 6.87 -7.79
C THR B 38 -22.12 6.34 -8.07
N ARG B 39 -21.90 5.07 -8.34
CA ARG B 39 -20.52 4.62 -8.31
C ARG B 39 -20.05 4.18 -9.69
N GLY B 40 -18.86 4.59 -10.12
CA GLY B 40 -18.35 4.18 -11.38
C GLY B 40 -17.70 2.81 -11.24
N LYS B 41 -18.46 1.78 -10.86
CA LYS B 41 -17.91 0.43 -10.65
C LYS B 41 -18.26 -0.33 -11.98
N PRO B 42 -17.37 -1.19 -12.46
CA PRO B 42 -17.68 -2.14 -13.57
C PRO B 42 -18.82 -3.04 -13.17
N SER B 43 -19.65 -3.47 -14.12
CA SER B 43 -20.69 -4.45 -13.78
C SER B 43 -20.12 -5.85 -13.58
N SER B 44 -20.97 -6.74 -13.08
CA SER B 44 -20.60 -8.17 -12.98
C SER B 44 -20.34 -8.75 -14.36
N GLU B 45 -21.08 -8.30 -15.39
CA GLU B 45 -20.82 -8.73 -16.77
C GLU B 45 -19.36 -8.42 -17.19
N GLN B 46 -18.91 -7.18 -16.90
CA GLN B 46 -17.54 -6.78 -17.19
C GLN B 46 -16.49 -7.56 -16.42
N LEU B 47 -16.74 -7.74 -15.14
CA LEU B 47 -15.83 -8.50 -14.30
C LEU B 47 -15.72 -9.97 -14.77
N ASP B 48 -16.80 -10.54 -15.31
CA ASP B 48 -16.77 -11.91 -15.85
C ASP B 48 -15.68 -12.08 -16.91
N PHE B 49 -15.34 -11.02 -17.65
CA PHE B 49 -14.36 -11.13 -18.73
C PHE B 49 -13.02 -11.66 -18.21
N ALA B 50 -12.60 -11.20 -17.00
CA ALA B 50 -11.35 -11.68 -16.37
C ALA B 50 -11.49 -12.92 -15.47
N ASP B 51 -12.49 -13.75 -15.71
CA ASP B 51 -12.62 -15.00 -14.95
C ASP B 51 -11.30 -15.83 -14.88
N GLU B 52 -10.60 -15.96 -16.01
CA GLU B 52 -9.32 -16.67 -16.11
C GLU B 52 -8.25 -16.11 -15.19
N LEU B 53 -8.25 -14.81 -14.97
CA LEU B 53 -7.27 -14.20 -14.10
C LEU B 53 -7.34 -14.71 -12.68
N LEU B 54 -8.52 -15.14 -12.25
CA LEU B 54 -8.70 -15.78 -10.94
C LEU B 54 -7.91 -17.07 -10.80
N ALA B 55 -7.43 -17.64 -11.93
CA ALA B 55 -6.62 -18.89 -11.89
C ALA B 55 -5.19 -18.65 -12.29
N LEU B 56 -4.77 -17.38 -12.40
CA LEU B 56 -3.43 -17.03 -12.90
C LEU B 56 -2.57 -16.54 -11.78
N PRO B 57 -1.23 -16.68 -11.84
CA PRO B 57 -0.52 -17.20 -12.99
C PRO B 57 -0.58 -18.73 -13.14
N GLY B 58 -1.10 -19.45 -12.18
CA GLY B 58 -1.29 -20.89 -12.30
C GLY B 58 -0.10 -21.65 -11.72
N LYS B 59 -0.34 -22.93 -11.43
CA LYS B 59 0.64 -23.76 -10.77
C LYS B 59 1.95 -23.82 -11.53
N GLY B 60 3.08 -23.62 -10.85
CA GLY B 60 4.43 -23.77 -11.44
C GLY B 60 4.90 -22.58 -12.26
N ASP B 61 4.06 -21.56 -12.41
CA ASP B 61 4.42 -20.44 -13.24
C ASP B 61 4.67 -19.17 -12.38
N PHE B 62 5.95 -18.96 -12.09
CA PHE B 62 6.34 -17.95 -11.08
C PHE B 62 7.63 -17.25 -11.36
N LYS B 63 8.11 -17.30 -12.61
CA LYS B 63 9.31 -16.55 -12.94
C LYS B 63 8.96 -15.42 -13.89
N ALA B 64 9.43 -14.22 -13.55
CA ALA B 64 9.37 -13.06 -14.44
C ALA B 64 10.36 -13.30 -15.58
N ALA B 65 10.32 -12.46 -16.60
CA ALA B 65 11.14 -12.71 -17.79
C ALA B 65 12.65 -12.52 -17.58
N ASP B 66 13.03 -11.81 -16.52
CA ASP B 66 14.42 -11.65 -16.16
C ASP B 66 14.86 -12.72 -15.18
N GLY B 67 14.05 -13.73 -14.95
CA GLY B 67 14.33 -14.78 -13.97
C GLY B 67 13.86 -14.54 -12.54
N THR B 68 13.25 -13.40 -12.21
CA THR B 68 12.85 -13.14 -10.81
C THR B 68 11.84 -14.18 -10.36
N ASP B 69 12.03 -14.78 -9.19
CA ASP B 69 11.01 -15.62 -8.60
C ASP B 69 9.97 -14.68 -8.01
N VAL B 70 8.77 -14.61 -8.58
CA VAL B 70 7.77 -13.60 -8.10
C VAL B 70 7.17 -13.94 -6.73
N ARG B 71 7.43 -15.17 -6.27
CA ARG B 71 6.90 -15.66 -4.99
C ARG B 71 7.71 -15.17 -3.81
N ASN B 72 8.89 -14.62 -4.05
CA ASN B 72 9.81 -14.27 -2.95
C ASN B 72 10.05 -12.78 -2.89
N TYR B 73 10.62 -12.32 -1.77
CA TYR B 73 10.84 -10.90 -1.54
C TYR B 73 11.69 -10.17 -2.56
N GLY B 74 11.31 -8.95 -2.82
CA GLY B 74 12.25 -7.93 -3.27
C GLY B 74 11.87 -7.43 -4.63
N GLY B 75 12.41 -6.29 -4.91
CA GLY B 75 12.18 -5.55 -6.19
C GLY B 75 11.12 -4.46 -5.96
N LEU B 76 11.52 -3.22 -5.98
CA LEU B 76 10.62 -2.09 -5.76
C LEU B 76 9.89 -1.55 -7.01
N ASP B 77 10.35 -1.88 -8.20
CA ASP B 77 9.87 -1.28 -9.45
C ASP B 77 8.69 -1.99 -10.10
N GLY B 78 8.38 -3.21 -9.64
CA GLY B 78 7.40 -4.11 -10.30
C GLY B 78 8.17 -4.91 -11.35
N ILE B 79 7.55 -5.94 -11.91
CA ILE B 79 8.30 -6.90 -12.74
C ILE B 79 8.31 -6.43 -14.21
N VAL B 80 9.35 -6.82 -14.96
CA VAL B 80 9.51 -6.31 -16.29
C VAL B 80 8.35 -6.71 -17.21
N ASP B 81 7.76 -7.86 -16.94
CA ASP B 81 6.69 -8.48 -17.79
C ASP B 81 5.51 -7.49 -17.92
N ILE B 82 5.03 -7.02 -16.80
CA ILE B 82 3.90 -6.08 -16.84
C ILE B 82 4.30 -4.68 -17.24
N ARG B 83 5.46 -4.22 -16.79
CA ARG B 83 5.95 -2.90 -17.17
C ARG B 83 6.08 -2.77 -18.70
N GLN B 84 6.61 -3.83 -19.32
CA GLN B 84 6.85 -3.79 -20.78
C GLN B 84 5.59 -3.74 -21.57
N ILE B 85 4.58 -4.51 -21.11
CA ILE B 85 3.27 -4.51 -21.78
C ILE B 85 2.66 -3.10 -21.71
N TRP B 86 2.70 -2.48 -20.51
CA TRP B 86 2.13 -1.15 -20.36
C TRP B 86 2.91 -0.13 -21.19
N ALA B 87 4.23 -0.26 -21.18
CA ALA B 87 5.06 0.60 -22.00
C ALA B 87 4.70 0.52 -23.49
N ASP B 88 4.53 -0.70 -24.00
CA ASP B 88 4.12 -0.98 -25.38
C ASP B 88 2.70 -0.38 -25.61
N LEU B 89 1.81 -0.56 -24.63
CA LEU B 89 0.44 -0.11 -24.76
C LEU B 89 0.37 1.41 -24.93
N LEU B 90 1.16 2.10 -24.11
CA LEU B 90 1.09 3.54 -23.99
C LEU B 90 2.10 4.19 -24.95
N GLY B 91 2.99 3.43 -25.54
CA GLY B 91 3.98 4.00 -26.46
C GLY B 91 5.08 4.83 -25.80
N VAL B 92 5.53 4.43 -24.62
CA VAL B 92 6.60 5.10 -23.84
C VAL B 92 7.75 4.13 -23.57
N PRO B 93 8.93 4.61 -23.27
CA PRO B 93 10.04 3.74 -22.96
C PRO B 93 9.77 2.96 -21.68
N VAL B 94 10.13 1.66 -21.62
CA VAL B 94 9.84 0.85 -20.42
C VAL B 94 10.46 1.45 -19.14
N GLU B 95 11.57 2.18 -19.27
CA GLU B 95 12.27 2.74 -18.13
C GLU B 95 11.39 3.72 -17.36
N GLN B 96 10.46 4.33 -18.06
CA GLN B 96 9.48 5.26 -17.43
C GLN B 96 8.53 4.62 -16.43
N VAL B 97 8.26 3.32 -16.60
CA VAL B 97 7.16 2.63 -15.99
C VAL B 97 7.59 1.94 -14.71
N LEU B 98 6.87 2.26 -13.61
CA LEU B 98 6.92 1.51 -12.42
C LEU B 98 5.55 0.89 -12.24
N ALA B 99 5.53 -0.32 -11.71
CA ALA B 99 4.28 -1.07 -11.47
C ALA B 99 4.15 -1.39 -10.02
N GLY B 100 2.99 -1.06 -9.46
CA GLY B 100 2.79 -1.13 -8.01
C GLY B 100 1.77 -2.18 -7.65
N ASP B 101 1.05 -1.90 -6.56
CA ASP B 101 -0.08 -2.73 -6.11
C ASP B 101 -1.38 -2.39 -6.83
N ALA B 102 -2.55 -2.62 -6.21
CA ALA B 102 -3.84 -2.49 -6.90
C ALA B 102 -4.51 -1.13 -6.88
N SER B 103 -3.84 -0.09 -6.41
CA SER B 103 -4.45 1.22 -6.40
C SER B 103 -3.47 2.32 -6.81
N SER B 104 -3.77 3.05 -7.88
CA SER B 104 -3.02 4.22 -8.25
C SER B 104 -3.26 5.40 -7.25
N LEU B 105 -4.47 5.56 -6.75
CA LEU B 105 -4.71 6.50 -5.66
C LEU B 105 -3.74 6.33 -4.49
N ASN B 106 -3.42 5.10 -4.09
CA ASN B 106 -2.48 4.89 -2.99
C ASN B 106 -1.17 5.62 -3.30
N ILE B 107 -0.72 5.50 -4.53
CA ILE B 107 0.60 6.05 -4.92
C ILE B 107 0.49 7.57 -5.01
N MET B 108 -0.62 8.07 -5.52
CA MET B 108 -0.83 9.54 -5.58
C MET B 108 -0.80 10.15 -4.18
N PHE B 109 -1.52 9.49 -3.28
CA PHE B 109 -1.52 9.84 -1.82
C PHE B 109 -0.11 9.80 -1.32
N ASP B 110 0.60 8.69 -1.59
CA ASP B 110 1.95 8.55 -1.06
C ASP B 110 2.92 9.64 -1.52
N VAL B 111 2.91 9.96 -2.81
CA VAL B 111 3.86 10.98 -3.29
C VAL B 111 3.54 12.42 -2.72
N ILE B 112 2.27 12.73 -2.55
CA ILE B 112 1.90 13.99 -1.92
C ILE B 112 2.28 13.94 -0.42
N SER B 113 1.96 12.85 0.30
CA SER B 113 2.35 12.77 1.69
C SER B 113 3.87 12.89 1.92
N TRP B 114 4.63 12.31 1.01
CA TRP B 114 6.10 12.34 1.08
C TRP B 114 6.63 13.68 0.70
N SER B 115 6.01 14.38 -0.24
CA SER B 115 6.35 15.75 -0.49
C SER B 115 6.06 16.66 0.75
N TYR B 116 4.98 16.37 1.45
CA TYR B 116 4.62 17.05 2.67
C TYR B 116 5.65 16.82 3.80
N ILE B 117 6.02 15.58 4.00
CA ILE B 117 6.92 15.14 5.04
C ILE B 117 8.40 15.45 4.80
N PHE B 118 8.89 15.03 3.64
CA PHE B 118 10.31 14.98 3.35
C PHE B 118 10.66 16.04 2.32
N GLY B 119 9.68 16.59 1.61
CA GLY B 119 9.95 17.26 0.36
C GLY B 119 10.09 16.26 -0.79
N ASN B 120 9.89 16.73 -2.01
CA ASN B 120 10.25 15.90 -3.18
C ASN B 120 11.72 16.19 -3.62
N ASN B 121 12.15 15.57 -4.69
CA ASN B 121 13.58 15.69 -5.06
C ASN B 121 14.00 17.08 -5.52
N ASP B 122 13.02 17.93 -5.84
CA ASP B 122 13.28 19.32 -6.25
C ASP B 122 12.97 20.33 -5.16
N SER B 123 12.59 19.86 -3.99
CA SER B 123 12.16 20.74 -2.94
C SER B 123 13.37 21.36 -2.19
N VAL B 124 13.21 22.62 -1.80
CA VAL B 124 14.13 23.22 -0.86
C VAL B 124 13.78 22.85 0.55
N GLN B 125 12.51 22.61 0.86
CA GLN B 125 12.11 22.18 2.19
C GLN B 125 10.73 21.47 2.09
N PRO B 126 10.40 20.60 3.07
CA PRO B 126 9.12 19.90 3.05
C PRO B 126 7.94 20.87 2.97
N TRP B 127 6.87 20.43 2.33
CA TRP B 127 5.70 21.27 2.19
C TRP B 127 5.04 21.51 3.55
N SER B 128 5.24 20.63 4.53
CA SER B 128 4.83 20.85 5.88
C SER B 128 5.33 22.16 6.52
N LYS B 129 6.45 22.65 6.03
CA LYS B 129 7.04 23.90 6.54
C LYS B 129 6.41 25.11 5.88
N GLU B 130 5.55 24.94 4.87
CA GLU B 130 4.87 26.08 4.27
C GLU B 130 3.72 26.60 5.09
N GLU B 131 3.55 27.93 5.11
CA GLU B 131 2.40 28.51 5.83
C GLU B 131 1.11 28.10 5.09
N THR B 132 1.16 28.19 3.76
CA THR B 132 0.04 27.79 2.88
C THR B 132 0.53 27.04 1.68
N VAL B 133 -0.19 25.94 1.36
CA VAL B 133 0.05 25.15 0.12
C VAL B 133 -1.24 25.28 -0.68
N LYS B 134 -1.13 25.80 -1.91
CA LYS B 134 -2.22 25.86 -2.87
C LYS B 134 -2.08 24.77 -3.95
N TRP B 135 -3.22 24.35 -4.48
CA TRP B 135 -3.27 23.21 -5.40
C TRP B 135 -4.35 23.53 -6.43
N ILE B 136 -4.04 23.37 -7.69
CA ILE B 136 -4.95 23.71 -8.78
C ILE B 136 -5.87 22.51 -9.11
N CYS B 137 -7.18 22.80 -9.17
CA CYS B 137 -8.17 21.78 -9.35
C CYS B 137 -9.10 22.08 -10.52
N PRO B 138 -8.87 21.46 -11.67
CA PRO B 138 -9.79 21.61 -12.76
C PRO B 138 -11.17 20.98 -12.37
N VAL B 139 -12.22 21.69 -12.72
CA VAL B 139 -13.57 21.31 -12.37
C VAL B 139 -14.50 21.36 -13.59
N PRO B 140 -15.51 20.53 -13.64
CA PRO B 140 -15.79 19.44 -12.69
C PRO B 140 -14.63 18.42 -12.75
N GLY B 141 -14.32 17.82 -11.63
CA GLY B 141 -13.25 16.85 -11.52
C GLY B 141 -13.60 15.71 -10.59
N TYR B 142 -12.57 15.02 -10.15
CA TYR B 142 -12.70 13.76 -9.44
C TYR B 142 -12.63 13.95 -7.90
N ASP B 143 -13.69 13.59 -7.23
CA ASP B 143 -13.85 13.77 -5.83
C ASP B 143 -12.76 13.17 -4.94
N ARG B 144 -12.30 11.99 -5.33
CA ARG B 144 -11.23 11.31 -4.59
C ARG B 144 -9.90 12.02 -4.68
N HIS B 145 -9.63 12.69 -5.81
CA HIS B 145 -8.43 13.60 -5.89
C HIS B 145 -8.57 14.76 -4.84
N PHE B 146 -9.69 15.47 -4.94
CA PHE B 146 -9.94 16.59 -4.06
C PHE B 146 -9.91 16.23 -2.58
N SER B 147 -10.45 15.06 -2.24
CA SER B 147 -10.38 14.58 -0.87
C SER B 147 -8.97 14.46 -0.30
N ILE B 148 -8.02 14.02 -1.14
CA ILE B 148 -6.63 13.94 -0.72
C ILE B 148 -6.06 15.27 -0.36
N THR B 149 -6.17 16.23 -1.25
CA THR B 149 -5.68 17.56 -0.96
C THR B 149 -6.45 18.30 0.12
N GLU B 150 -7.76 18.11 0.21
CA GLU B 150 -8.52 18.54 1.44
C GLU B 150 -7.96 17.95 2.76
N ARG B 151 -7.72 16.65 2.79
CA ARG B 151 -7.23 16.01 3.98
C ARG B 151 -5.86 16.58 4.44
N PHE B 152 -5.03 16.91 3.49
CA PHE B 152 -3.72 17.55 3.78
C PHE B 152 -3.76 19.02 4.10
N GLY B 153 -4.93 19.63 4.02
CA GLY B 153 -5.06 21.08 4.36
C GLY B 153 -4.71 21.95 3.20
N PHE B 154 -4.62 21.42 1.96
CA PHE B 154 -4.17 22.31 0.90
C PHE B 154 -5.33 23.21 0.43
N GLU B 155 -5.08 24.49 0.18
CA GLU B 155 -6.14 25.38 -0.32
C GLU B 155 -6.31 25.12 -1.83
N MET B 156 -7.51 24.66 -2.21
CA MET B 156 -7.74 24.19 -3.55
C MET B 156 -8.31 25.32 -4.38
N ILE B 157 -7.68 25.61 -5.49
CA ILE B 157 -8.11 26.71 -6.37
C ILE B 157 -8.67 26.07 -7.66
N SER B 158 -9.93 26.35 -7.95
CA SER B 158 -10.60 25.82 -9.11
C SER B 158 -10.27 26.56 -10.36
N VAL B 159 -10.20 25.82 -11.44
CA VAL B 159 -10.09 26.37 -12.82
C VAL B 159 -11.01 25.50 -13.72
N PRO B 160 -11.50 26.07 -14.81
CA PRO B 160 -12.42 25.22 -15.65
C PRO B 160 -11.69 24.06 -16.30
N MET B 161 -12.32 22.89 -16.32
CA MET B 161 -11.89 21.83 -17.21
C MET B 161 -12.67 22.00 -18.50
N ASN B 162 -12.01 22.46 -19.55
CA ASN B 162 -12.64 22.69 -20.84
C ASN B 162 -12.48 21.49 -21.71
N GLU B 163 -13.08 21.56 -22.91
CA GLU B 163 -13.07 20.43 -23.86
C GLU B 163 -11.68 19.96 -24.24
N ASP B 164 -10.71 20.90 -24.25
CA ASP B 164 -9.33 20.54 -24.63
C ASP B 164 -8.40 20.41 -23.39
N GLY B 165 -8.99 20.52 -22.20
CA GLY B 165 -8.23 20.44 -20.99
C GLY B 165 -8.44 21.59 -20.06
N PRO B 166 -7.61 21.66 -19.00
CA PRO B 166 -7.68 22.79 -18.10
C PRO B 166 -7.45 24.14 -18.80
N ASP B 167 -8.16 25.15 -18.30
CA ASP B 167 -7.97 26.57 -18.74
C ASP B 167 -6.51 27.01 -18.48
N MET B 168 -5.69 26.98 -19.53
CA MET B 168 -4.26 27.17 -19.38
C MET B 168 -3.91 28.65 -19.12
N ASP B 169 -4.76 29.60 -19.56
CA ASP B 169 -4.55 31.03 -19.21
C ASP B 169 -4.62 31.22 -17.67
N ALA B 170 -5.63 30.60 -17.05
CA ALA B 170 -5.78 30.55 -15.62
C ALA B 170 -4.65 29.79 -14.89
N VAL B 171 -4.32 28.59 -15.35
CA VAL B 171 -3.26 27.80 -14.73
C VAL B 171 -1.93 28.55 -14.75
N GLU B 172 -1.57 29.03 -15.94
CA GLU B 172 -0.28 29.71 -16.13
C GLU B 172 -0.13 30.94 -15.25
N GLU B 173 -1.22 31.66 -14.99
CA GLU B 173 -1.26 32.78 -14.00
C GLU B 173 -1.14 32.32 -12.57
N LEU B 174 -1.87 31.25 -12.21
CA LEU B 174 -1.87 30.80 -10.81
C LEU B 174 -0.50 30.27 -10.40
N VAL B 175 0.18 29.56 -11.29
CA VAL B 175 1.49 28.94 -11.03
C VAL B 175 2.62 29.98 -10.76
N LYS B 176 2.35 31.25 -11.10
CA LYS B 176 3.23 32.39 -10.70
C LYS B 176 3.27 32.62 -9.22
N ASN B 177 2.29 32.11 -8.47
CA ASN B 177 2.29 32.13 -7.02
C ASN B 177 3.05 30.90 -6.48
N PRO B 178 4.21 31.13 -5.76
CA PRO B 178 4.98 30.03 -5.18
C PRO B 178 4.31 29.21 -4.12
N GLN B 179 3.22 29.66 -3.60
CA GLN B 179 2.43 28.83 -2.73
C GLN B 179 1.78 27.60 -3.49
N VAL B 180 1.66 27.71 -4.80
CA VAL B 180 0.97 26.69 -5.64
C VAL B 180 1.95 25.58 -5.90
N LYS B 181 1.70 24.43 -5.29
CA LYS B 181 2.66 23.30 -5.33
C LYS B 181 2.32 22.18 -6.40
N GLY B 182 1.06 22.11 -6.83
CA GLY B 182 0.72 21.18 -7.87
C GLY B 182 -0.70 21.34 -8.37
N MET B 183 -1.11 20.30 -9.08
CA MET B 183 -2.33 20.30 -9.84
C MET B 183 -2.83 18.88 -10.08
N TRP B 184 -4.14 18.69 -10.08
CA TRP B 184 -4.73 17.41 -10.50
C TRP B 184 -5.15 17.54 -11.96
N VAL B 185 -5.04 16.46 -12.72
CA VAL B 185 -5.79 16.36 -13.93
C VAL B 185 -6.10 14.89 -14.25
N VAL B 186 -7.30 14.66 -14.78
CA VAL B 186 -7.59 13.38 -15.45
C VAL B 186 -7.64 13.71 -16.93
N PRO B 187 -6.63 13.31 -17.69
CA PRO B 187 -6.38 13.93 -19.02
C PRO B 187 -7.03 13.28 -20.23
N VAL B 188 -7.65 12.11 -20.07
CA VAL B 188 -8.32 11.44 -21.18
C VAL B 188 -9.65 10.95 -20.65
N PHE B 189 -10.71 11.26 -21.39
CA PHE B 189 -12.07 10.93 -20.92
C PHE B 189 -12.28 11.24 -19.42
N SER B 190 -12.05 12.51 -19.12
CA SER B 190 -11.91 12.98 -17.74
C SER B 190 -13.11 12.65 -16.83
N ASN B 191 -12.82 12.33 -15.57
CA ASN B 191 -13.88 12.12 -14.61
C ASN B 191 -14.33 13.51 -14.09
N PRO B 192 -15.54 13.98 -14.38
CA PRO B 192 -16.65 13.31 -15.07
C PRO B 192 -17.00 13.87 -16.48
N THR B 193 -16.28 14.88 -16.98
CA THR B 193 -16.68 15.61 -18.20
C THR B 193 -16.48 14.80 -19.50
N GLY B 194 -15.64 13.77 -19.43
CA GLY B 194 -15.32 13.03 -20.62
C GLY B 194 -14.32 13.77 -21.52
N PHE B 195 -13.79 14.90 -21.06
CA PHE B 195 -12.99 15.75 -21.93
C PHE B 195 -11.56 15.21 -21.91
N THR B 196 -10.80 15.60 -22.93
CA THR B 196 -9.51 15.04 -23.22
C THR B 196 -8.49 16.20 -23.52
N VAL B 197 -7.37 16.22 -22.78
CA VAL B 197 -6.25 17.17 -22.98
C VAL B 197 -5.59 16.98 -24.36
N THR B 198 -5.57 18.06 -25.12
CA THR B 198 -4.97 18.13 -26.43
C THR B 198 -3.44 18.26 -26.28
N GLU B 199 -2.75 17.96 -27.35
CA GLU B 199 -1.30 18.10 -27.45
C GLU B 199 -0.88 19.56 -27.11
N ASP B 200 -1.68 20.56 -27.54
CA ASP B 200 -1.41 21.98 -27.37
C ASP B 200 -1.46 22.30 -25.89
N VAL B 201 -2.49 21.81 -25.20
CA VAL B 201 -2.62 22.05 -23.79
C VAL B 201 -1.52 21.32 -23.03
N ALA B 202 -1.23 20.10 -23.44
CA ALA B 202 -0.16 19.34 -22.78
C ALA B 202 1.20 20.06 -22.86
N LYS B 203 1.49 20.56 -24.08
CA LYS B 203 2.69 21.36 -24.29
C LYS B 203 2.75 22.59 -23.43
N ARG B 204 1.64 23.27 -23.24
CA ARG B 204 1.59 24.40 -22.37
C ARG B 204 1.86 24.02 -20.91
N LEU B 205 1.30 22.90 -20.49
CA LEU B 205 1.58 22.41 -19.15
C LEU B 205 3.06 22.03 -18.97
N SER B 206 3.67 21.50 -20.02
CA SER B 206 5.06 21.12 -19.94
C SER B 206 6.04 22.30 -19.95
N ALA B 207 5.68 23.42 -20.58
CA ALA B 207 6.59 24.55 -20.78
C ALA B 207 6.36 25.66 -19.76
N MET B 208 5.20 25.69 -19.11
CA MET B 208 4.92 26.81 -18.26
C MET B 208 5.98 26.99 -17.17
N GLU B 209 6.21 28.25 -16.80
CA GLU B 209 7.07 28.63 -15.67
C GLU B 209 6.32 28.68 -14.37
N THR B 210 6.80 27.92 -13.41
CA THR B 210 6.17 27.91 -12.11
C THR B 210 7.11 28.61 -11.14
N ALA B 211 6.57 29.34 -10.19
CA ALA B 211 7.36 29.99 -9.14
C ALA B 211 7.86 28.94 -8.10
N ALA B 212 7.06 27.91 -7.79
CA ALA B 212 7.55 26.82 -6.91
C ALA B 212 8.57 25.98 -7.68
N PRO B 213 9.74 25.69 -7.06
CA PRO B 213 10.75 24.92 -7.77
C PRO B 213 10.41 23.40 -7.89
N ASP B 214 9.43 22.94 -7.12
CA ASP B 214 9.12 21.53 -6.88
C ASP B 214 7.62 21.21 -7.17
N PHE B 215 7.01 22.05 -8.02
CA PHE B 215 5.65 21.93 -8.54
C PHE B 215 5.51 20.57 -9.27
N ARG B 216 4.37 19.92 -9.03
CA ARG B 216 4.00 18.68 -9.70
C ARG B 216 2.59 18.70 -10.31
N VAL B 217 2.47 18.17 -11.52
CA VAL B 217 1.17 17.86 -12.07
C VAL B 217 0.96 16.36 -11.89
N VAL B 218 -0.15 16.03 -11.30
CA VAL B 218 -0.64 14.65 -11.29
C VAL B 218 -1.44 14.44 -12.53
N TRP B 219 -0.88 13.63 -13.41
CA TRP B 219 -1.48 13.30 -14.68
C TRP B 219 -2.10 11.91 -14.54
N ASP B 220 -3.33 11.89 -14.05
CA ASP B 220 -3.95 10.63 -13.66
C ASP B 220 -4.76 10.08 -14.81
N ASN B 221 -4.06 9.37 -15.69
CA ASN B 221 -4.65 8.83 -16.90
C ASN B 221 -5.37 7.47 -16.65
N ALA B 222 -6.34 7.54 -15.76
CA ALA B 222 -7.15 6.40 -15.29
C ALA B 222 -7.97 5.80 -16.46
N TYR B 223 -8.22 6.60 -17.54
CA TYR B 223 -9.06 6.14 -18.66
C TYR B 223 -8.32 6.08 -19.99
N ALA B 224 -7.00 5.86 -19.90
CA ALA B 224 -6.08 5.89 -21.02
C ALA B 224 -6.49 5.10 -22.23
N VAL B 225 -7.18 3.99 -22.02
CA VAL B 225 -7.61 3.10 -23.10
C VAL B 225 -9.14 2.81 -23.09
N HIS B 226 -9.91 3.67 -22.42
CA HIS B 226 -11.23 3.27 -21.96
C HIS B 226 -12.29 3.78 -22.89
N THR B 227 -12.12 3.42 -24.17
CA THR B 227 -13.02 3.83 -25.22
C THR B 227 -14.45 3.22 -25.15
N LEU B 228 -15.45 4.01 -25.55
CA LEU B 228 -16.78 3.58 -25.73
C LEU B 228 -17.12 3.23 -27.17
N THR B 229 -16.23 3.49 -28.11
CA THR B 229 -16.55 3.34 -29.54
C THR B 229 -15.62 2.34 -30.30
N ASP B 230 -14.60 1.83 -29.60
CA ASP B 230 -13.57 0.99 -30.17
C ASP B 230 -12.48 1.77 -30.90
N GLU B 231 -12.54 3.10 -30.95
CA GLU B 231 -11.44 3.93 -31.40
C GLU B 231 -10.64 4.33 -30.14
N PHE B 232 -9.36 4.02 -30.10
CA PHE B 232 -8.54 4.30 -28.93
C PHE B 232 -8.02 5.73 -28.98
N PRO B 233 -8.08 6.43 -27.84
CA PRO B 233 -7.61 7.79 -27.89
C PRO B 233 -6.06 7.86 -27.92
N GLU B 234 -5.55 9.00 -28.34
CA GLU B 234 -4.13 9.28 -28.36
C GLU B 234 -3.60 9.20 -26.93
N VAL B 235 -2.41 8.63 -26.79
CA VAL B 235 -1.68 8.64 -25.51
C VAL B 235 -0.51 9.60 -25.66
N ILE B 236 -0.70 10.78 -25.13
CA ILE B 236 0.38 11.77 -25.10
C ILE B 236 1.44 11.22 -24.15
N ASP B 237 2.72 11.17 -24.59
CA ASP B 237 3.82 10.82 -23.70
C ASP B 237 4.15 12.05 -22.88
N ILE B 238 3.44 12.24 -21.77
CA ILE B 238 3.49 13.50 -21.02
C ILE B 238 4.87 13.70 -20.29
N VAL B 239 5.43 12.61 -19.81
CA VAL B 239 6.73 12.64 -19.16
C VAL B 239 7.78 13.10 -20.16
N GLY B 240 7.72 12.54 -21.37
CA GLY B 240 8.61 12.93 -22.48
C GLY B 240 8.46 14.37 -22.90
N LEU B 241 7.24 14.89 -22.90
CA LEU B 241 7.00 16.32 -23.18
C LEU B 241 7.55 17.25 -22.09
N GLY B 242 7.46 16.84 -20.82
CA GLY B 242 8.12 17.63 -19.74
C GLY B 242 9.66 17.64 -19.94
N GLU B 243 10.23 16.47 -20.25
CA GLU B 243 11.68 16.30 -20.51
C GLU B 243 12.10 17.23 -21.69
N ALA B 244 11.37 17.16 -22.81
CA ALA B 244 11.67 18.00 -23.97
C ALA B 244 11.56 19.50 -23.68
N ALA B 245 10.67 19.93 -22.79
CA ALA B 245 10.49 21.32 -22.51
C ALA B 245 11.54 21.86 -21.50
N GLY B 246 12.38 20.99 -20.94
CA GLY B 246 13.35 21.35 -19.89
C GLY B 246 12.75 21.31 -18.50
N ASN B 247 11.59 20.65 -18.30
CA ASN B 247 11.03 20.49 -16.94
C ASN B 247 10.78 19.00 -16.74
N PRO B 248 11.85 18.22 -16.72
CA PRO B 248 11.64 16.77 -16.76
C PRO B 248 10.94 16.17 -15.57
N ASN B 249 11.03 16.86 -14.41
CA ASN B 249 10.45 16.32 -13.20
C ASN B 249 9.00 16.74 -12.95
N ARG B 250 8.40 17.47 -13.87
CA ARG B 250 7.13 18.11 -13.61
C ARG B 250 5.95 17.09 -13.39
N PHE B 251 5.97 16.01 -14.17
CA PHE B 251 4.81 15.10 -14.25
C PHE B 251 4.97 13.84 -13.45
N TRP B 252 3.94 13.61 -12.61
CA TRP B 252 3.69 12.33 -11.95
C TRP B 252 2.47 11.72 -12.65
N ALA B 253 2.71 10.74 -13.50
CA ALA B 253 1.64 10.16 -14.36
C ALA B 253 1.24 8.80 -13.80
N PHE B 254 -0.04 8.46 -13.88
CA PHE B 254 -0.55 7.25 -13.34
C PHE B 254 -1.53 6.64 -14.33
N THR B 255 -1.68 5.34 -14.17
CA THR B 255 -2.85 4.65 -14.73
C THR B 255 -2.98 3.31 -13.98
N SER B 256 -3.98 2.52 -14.37
CA SER B 256 -4.18 1.27 -13.73
C SER B 256 -5.11 0.32 -14.55
N THR B 257 -5.28 -0.89 -14.02
CA THR B 257 -6.14 -1.88 -14.66
C THR B 257 -7.43 -2.10 -13.86
N SER B 258 -7.74 -1.21 -12.90
CA SER B 258 -8.96 -1.44 -12.11
C SER B 258 -10.21 -1.55 -12.93
N LYS B 259 -10.32 -0.75 -14.00
CA LYS B 259 -11.51 -0.88 -14.89
C LYS B 259 -11.15 -1.63 -16.18
N ILE B 260 -10.12 -2.48 -16.09
CA ILE B 260 -9.70 -3.30 -17.27
C ILE B 260 -9.87 -4.77 -16.85
N THR B 261 -9.45 -5.10 -15.64
CA THR B 261 -9.48 -6.50 -15.15
C THR B 261 -10.39 -6.61 -13.95
N LEU B 262 -9.86 -6.31 -12.75
CA LEU B 262 -10.57 -6.46 -11.48
C LEU B 262 -10.44 -5.15 -10.66
N ALA B 263 -11.57 -4.58 -10.24
CA ALA B 263 -11.63 -3.25 -9.62
C ALA B 263 -11.29 -3.40 -8.17
N GLY B 264 -10.05 -3.04 -7.85
CA GLY B 264 -9.45 -3.16 -6.53
C GLY B 264 -8.47 -4.31 -6.37
N ALA B 265 -8.27 -5.07 -7.44
CA ALA B 265 -7.32 -6.21 -7.42
C ALA B 265 -6.53 -6.27 -8.71
N GLY B 266 -6.42 -5.13 -9.38
CA GLY B 266 -5.63 -5.01 -10.52
C GLY B 266 -4.19 -4.57 -10.22
N VAL B 267 -3.62 -3.91 -11.22
CA VAL B 267 -2.23 -3.39 -11.12
C VAL B 267 -2.22 -1.92 -11.46
N SER B 268 -1.52 -1.12 -10.65
CA SER B 268 -1.33 0.30 -10.85
C SER B 268 0.06 0.58 -11.47
N PHE B 269 0.15 1.71 -12.15
CA PHE B 269 1.38 2.18 -12.75
C PHE B 269 1.67 3.60 -12.41
N PHE B 270 2.95 3.85 -12.20
CA PHE B 270 3.47 5.20 -12.00
C PHE B 270 4.55 5.46 -13.04
N LEU B 271 4.33 6.44 -13.92
CA LEU B 271 5.26 6.84 -14.99
C LEU B 271 5.81 8.22 -14.61
N THR B 272 7.13 8.36 -14.53
CA THR B 272 7.69 9.68 -14.17
C THR B 272 9.19 9.68 -14.56
N SER B 273 9.85 10.82 -14.37
CA SER B 273 11.29 10.94 -14.77
C SER B 273 12.25 10.04 -13.96
N ALA B 274 13.51 9.96 -14.40
CA ALA B 274 14.51 9.13 -13.69
C ALA B 274 14.71 9.63 -12.30
N GLU B 275 14.76 10.96 -12.13
CA GLU B 275 15.07 11.54 -10.81
C GLU B 275 13.86 11.36 -9.87
N ASN B 276 12.68 11.50 -10.46
CA ASN B 276 11.44 11.25 -9.66
C ASN B 276 11.30 9.77 -9.25
N ARG B 277 11.59 8.84 -10.16
CA ARG B 277 11.56 7.40 -9.82
C ARG B 277 12.53 7.05 -8.73
N LYS B 278 13.75 7.59 -8.80
CA LYS B 278 14.76 7.34 -7.75
C LYS B 278 14.26 7.86 -6.39
N TRP B 279 13.73 9.07 -6.38
CA TRP B 279 13.13 9.59 -5.17
C TRP B 279 12.02 8.73 -4.63
N TYR B 280 11.10 8.33 -5.53
CA TYR B 280 9.96 7.51 -5.11
C TYR B 280 10.42 6.19 -4.54
N THR B 281 11.29 5.49 -5.25
CA THR B 281 11.65 4.16 -4.76
C THR B 281 12.53 4.20 -3.50
N GLY B 282 13.30 5.26 -3.35
CA GLY B 282 14.03 5.53 -2.11
C GLY B 282 13.13 5.51 -0.90
N HIS B 283 12.05 6.28 -0.97
CA HIS B 283 11.02 6.26 0.10
C HIS B 283 10.18 4.99 0.19
N ALA B 284 9.80 4.45 -0.96
CA ALA B 284 8.92 3.25 -0.97
C ALA B 284 9.67 2.06 -0.37
N GLY B 285 11.00 2.09 -0.55
CA GLY B 285 11.84 1.06 0.04
C GLY B 285 11.99 1.10 1.54
N ILE B 286 11.67 2.24 2.18
CA ILE B 286 11.50 2.31 3.66
C ILE B 286 10.09 1.89 4.09
N ARG B 287 9.12 2.23 3.30
CA ARG B 287 7.73 1.81 3.57
C ARG B 287 7.61 0.32 3.41
N GLY B 288 8.41 -0.32 2.54
CA GLY B 288 8.44 -1.77 2.58
C GLY B 288 9.36 -2.42 1.58
N ILE B 289 9.11 -3.69 1.33
CA ILE B 289 10.05 -4.49 0.56
C ILE B 289 9.67 -4.48 -0.93
N GLY B 290 8.41 -4.18 -1.27
CA GLY B 290 8.02 -3.85 -2.63
C GLY B 290 6.66 -4.47 -2.96
N PRO B 291 6.15 -4.21 -4.18
CA PRO B 291 4.79 -4.58 -4.55
C PRO B 291 4.58 -6.03 -4.79
N ASN B 292 3.32 -6.40 -4.99
CA ASN B 292 2.92 -7.77 -5.19
C ASN B 292 3.23 -8.22 -6.66
N LYS B 293 4.29 -9.01 -6.80
CA LYS B 293 4.82 -9.45 -8.07
C LYS B 293 3.99 -10.57 -8.67
N VAL B 294 3.27 -11.32 -7.84
CA VAL B 294 2.49 -12.44 -8.34
C VAL B 294 1.28 -11.94 -9.13
N ASN B 295 0.56 -10.95 -8.58
CA ASN B 295 -0.54 -10.34 -9.30
C ASN B 295 -0.09 -9.69 -10.62
N GLN B 296 1.07 -9.05 -10.62
CA GLN B 296 1.64 -8.48 -11.81
C GLN B 296 1.86 -9.59 -12.86
N LEU B 297 2.38 -10.76 -12.43
CA LEU B 297 2.61 -11.83 -13.41
C LEU B 297 1.32 -12.41 -13.90
N ALA B 298 0.36 -12.57 -13.01
CA ALA B 298 -0.99 -12.96 -13.37
C ALA B 298 -1.55 -12.06 -14.50
N HIS B 299 -1.38 -10.75 -14.35
CA HIS B 299 -1.84 -9.78 -15.34
C HIS B 299 -1.08 -9.90 -16.65
N ALA B 300 0.25 -10.06 -16.60
CA ALA B 300 1.02 -10.21 -17.80
C ALA B 300 0.63 -11.47 -18.57
N ARG B 301 0.39 -12.58 -17.85
CA ARG B 301 -0.16 -13.83 -18.43
C ARG B 301 -1.54 -13.68 -19.03
N TYR B 302 -2.42 -12.95 -18.33
CA TYR B 302 -3.76 -12.73 -18.82
C TYR B 302 -3.76 -11.93 -20.15
N PHE B 303 -3.07 -10.79 -20.20
CA PHE B 303 -3.04 -9.97 -21.38
C PHE B 303 -2.13 -10.49 -22.51
N GLY B 304 -0.96 -11.04 -22.15
CA GLY B 304 0.02 -11.44 -23.14
C GLY B 304 0.78 -10.27 -23.70
N ASP B 305 0.08 -9.26 -24.22
CA ASP B 305 0.73 -8.19 -24.91
C ASP B 305 -0.29 -7.03 -25.03
N ALA B 306 0.15 -5.93 -25.64
CA ALA B 306 -0.69 -4.71 -25.79
C ALA B 306 -2.02 -4.92 -26.53
N GLU B 307 -1.99 -5.74 -27.59
CA GLU B 307 -3.19 -6.05 -28.31
C GLU B 307 -4.18 -6.82 -27.40
N GLY B 308 -3.67 -7.69 -26.57
CA GLY B 308 -4.54 -8.38 -25.63
C GLY B 308 -5.27 -7.38 -24.71
N VAL B 309 -4.57 -6.31 -24.30
CA VAL B 309 -5.25 -5.31 -23.46
C VAL B 309 -6.36 -4.61 -24.33
N ARG B 310 -6.00 -4.28 -25.58
CA ARG B 310 -6.95 -3.62 -26.45
C ARG B 310 -8.20 -4.50 -26.73
N ALA B 311 -8.01 -5.82 -26.88
CA ALA B 311 -9.14 -6.82 -27.04
C ALA B 311 -10.09 -6.74 -25.83
N VAL B 312 -9.53 -6.69 -24.62
CA VAL B 312 -10.34 -6.58 -23.42
C VAL B 312 -11.15 -5.27 -23.46
N MET B 313 -10.46 -4.19 -23.75
CA MET B 313 -11.15 -2.87 -23.82
C MET B 313 -12.34 -2.86 -24.78
N ARG B 314 -12.22 -3.59 -25.91
CA ARG B 314 -13.35 -3.69 -26.82
C ARG B 314 -14.51 -4.44 -26.20
N LYS B 315 -14.23 -5.45 -25.39
CA LYS B 315 -15.31 -6.12 -24.67
C LYS B 315 -16.02 -5.16 -23.70
N HIS B 316 -15.21 -4.34 -23.02
CA HIS B 316 -15.77 -3.34 -22.09
C HIS B 316 -16.67 -2.36 -22.84
N ALA B 317 -16.20 -1.93 -24.02
CA ALA B 317 -16.95 -0.94 -24.81
C ALA B 317 -18.29 -1.50 -25.22
N ALA B 318 -18.35 -2.80 -25.54
CA ALA B 318 -19.58 -3.42 -26.00
C ALA B 318 -20.56 -3.53 -24.87
N SER B 319 -20.04 -3.70 -23.68
CA SER B 319 -20.90 -3.83 -22.50
C SER B 319 -21.42 -2.45 -22.08
N LEU B 320 -20.55 -1.42 -22.12
CA LEU B 320 -20.86 -0.11 -21.59
C LEU B 320 -21.60 0.78 -22.54
N ALA B 321 -21.28 0.72 -23.84
CA ALA B 321 -21.86 1.67 -24.77
C ALA B 321 -23.39 1.64 -24.80
N PRO B 322 -24.07 0.47 -24.72
CA PRO B 322 -25.52 0.62 -24.75
C PRO B 322 -26.08 1.25 -23.47
N LYS B 323 -25.34 1.19 -22.37
CA LYS B 323 -25.80 1.82 -21.12
C LYS B 323 -25.69 3.34 -21.28
N PHE B 324 -24.55 3.83 -21.80
CA PHE B 324 -24.45 5.28 -22.08
C PHE B 324 -25.51 5.74 -23.08
N ASN B 325 -25.71 4.95 -24.12
CA ASN B 325 -26.67 5.31 -25.14
C ASN B 325 -28.08 5.45 -24.54
N LYS B 326 -28.44 4.53 -23.65
CA LYS B 326 -29.79 4.55 -23.03
C LYS B 326 -29.95 5.79 -22.19
N VAL B 327 -28.91 6.12 -21.41
CA VAL B 327 -28.94 7.33 -20.59
C VAL B 327 -29.17 8.59 -21.48
N LEU B 328 -28.38 8.69 -22.52
CA LEU B 328 -28.50 9.79 -23.50
C LEU B 328 -29.88 9.81 -24.16
N GLU B 329 -30.41 8.67 -24.58
CA GLU B 329 -31.76 8.63 -25.18
C GLU B 329 -32.80 9.21 -24.21
N ILE B 330 -32.72 8.84 -22.92
CA ILE B 330 -33.67 9.34 -21.96
C ILE B 330 -33.52 10.83 -21.71
N LEU B 331 -32.28 11.27 -21.56
CA LEU B 331 -32.06 12.71 -21.44
C LEU B 331 -32.65 13.48 -22.65
N ASP B 332 -32.41 12.97 -23.87
CA ASP B 332 -32.90 13.60 -25.07
C ASP B 332 -34.48 13.67 -25.06
N SER B 333 -35.11 12.54 -24.84
CA SER B 333 -36.54 12.48 -25.01
C SER B 333 -37.32 13.19 -23.88
N ARG B 334 -36.81 13.14 -22.65
CA ARG B 334 -37.45 13.84 -21.48
C ARG B 334 -37.07 15.33 -21.37
N LEU B 335 -35.79 15.70 -21.60
CA LEU B 335 -35.29 17.03 -21.25
C LEU B 335 -35.00 17.98 -22.39
N ALA B 336 -34.58 17.47 -23.54
CA ALA B 336 -34.08 18.33 -24.64
C ALA B 336 -34.99 19.51 -24.99
N GLU B 337 -36.28 19.26 -25.17
CA GLU B 337 -37.23 20.25 -25.63
C GLU B 337 -37.43 21.39 -24.63
N TYR B 338 -37.13 21.18 -23.35
CA TYR B 338 -37.42 22.12 -22.31
C TYR B 338 -36.29 23.10 -22.01
N GLY B 339 -35.09 22.88 -22.53
CA GLY B 339 -34.01 23.87 -22.35
C GLY B 339 -33.64 24.06 -20.87
N VAL B 340 -33.69 22.99 -20.08
CA VAL B 340 -33.39 23.05 -18.67
C VAL B 340 -32.02 22.44 -18.36
N ALA B 341 -31.47 21.64 -19.27
CA ALA B 341 -30.24 20.89 -18.94
C ALA B 341 -29.27 20.76 -20.11
N GLN B 342 -27.99 20.57 -19.79
CA GLN B 342 -26.96 20.27 -20.73
C GLN B 342 -26.16 19.09 -20.22
N TRP B 343 -25.68 18.25 -21.09
CA TRP B 343 -24.93 17.11 -20.61
C TRP B 343 -23.82 16.76 -21.57
N THR B 344 -22.80 16.05 -21.09
CA THR B 344 -21.72 15.66 -21.90
C THR B 344 -22.12 14.41 -22.69
N VAL B 345 -21.43 14.19 -23.79
CA VAL B 345 -21.68 13.03 -24.69
C VAL B 345 -20.25 12.44 -24.88
N PRO B 346 -19.87 11.53 -23.97
CA PRO B 346 -18.48 11.18 -23.90
C PRO B 346 -18.11 10.09 -24.94
N ALA B 347 -16.88 10.12 -25.44
CA ALA B 347 -16.41 9.04 -26.36
C ALA B 347 -15.78 7.91 -25.56
N GLY B 348 -15.72 8.08 -24.23
CA GLY B 348 -15.01 7.10 -23.43
C GLY B 348 -15.15 7.46 -21.97
N GLY B 349 -14.53 6.71 -21.07
CA GLY B 349 -14.67 6.98 -19.63
C GLY B 349 -15.89 6.37 -19.00
N TYR B 350 -16.17 6.80 -17.78
CA TYR B 350 -17.16 6.13 -16.95
C TYR B 350 -18.36 7.00 -16.53
N PHE B 351 -18.46 8.23 -17.05
CA PHE B 351 -19.44 9.16 -16.51
C PHE B 351 -20.06 10.04 -17.56
N ILE B 352 -21.30 10.54 -17.24
CA ILE B 352 -21.91 11.66 -17.96
C ILE B 352 -21.99 12.81 -16.97
N SER B 353 -21.58 14.04 -17.37
CA SER B 353 -21.67 15.20 -16.55
C SER B 353 -22.95 15.99 -16.93
N LEU B 354 -23.83 16.18 -15.97
CA LEU B 354 -25.16 16.80 -16.22
C LEU B 354 -25.25 18.11 -15.51
N ASP B 355 -25.58 19.19 -16.25
CA ASP B 355 -25.79 20.53 -15.69
C ASP B 355 -27.25 20.90 -15.82
N VAL B 356 -27.90 21.14 -14.70
CA VAL B 356 -29.34 21.48 -14.62
C VAL B 356 -29.52 22.97 -14.41
N VAL B 357 -30.72 23.41 -14.13
CA VAL B 357 -30.92 24.85 -13.91
C VAL B 357 -30.07 25.38 -12.69
N PRO B 358 -29.26 26.42 -12.91
CA PRO B 358 -28.45 26.89 -11.78
C PRO B 358 -29.29 27.20 -10.51
N GLY B 359 -28.86 26.64 -9.40
CA GLY B 359 -29.60 26.78 -8.18
C GLY B 359 -30.43 25.60 -7.81
N THR B 360 -30.45 24.57 -8.66
CA THR B 360 -31.34 23.49 -8.46
C THR B 360 -30.73 22.08 -8.32
N ALA B 361 -29.42 21.93 -8.50
CA ALA B 361 -28.85 20.60 -8.42
C ALA B 361 -29.08 19.84 -7.07
N SER B 362 -28.90 20.51 -5.94
CA SER B 362 -29.10 19.90 -4.67
C SER B 362 -30.58 19.53 -4.54
N ARG B 363 -31.51 20.33 -5.07
CA ARG B 363 -32.93 19.95 -5.06
C ARG B 363 -33.22 18.71 -5.91
N VAL B 364 -32.61 18.63 -7.10
CA VAL B 364 -32.75 17.43 -7.92
C VAL B 364 -32.28 16.15 -7.16
N ALA B 365 -31.13 16.22 -6.52
CA ALA B 365 -30.60 15.11 -5.78
C ALA B 365 -31.45 14.74 -4.57
N GLU B 366 -32.04 15.75 -3.90
CA GLU B 366 -32.99 15.50 -2.77
C GLU B 366 -34.28 14.82 -3.29
N LEU B 367 -34.88 15.37 -4.36
CA LEU B 367 -36.06 14.75 -4.99
C LEU B 367 -35.78 13.32 -5.39
N ALA B 368 -34.63 13.07 -6.04
CA ALA B 368 -34.30 11.75 -6.48
C ALA B 368 -34.22 10.78 -5.28
N LYS B 369 -33.56 11.25 -4.22
CA LYS B 369 -33.39 10.43 -3.01
C LYS B 369 -34.77 10.08 -2.39
N GLU B 370 -35.70 11.03 -2.37
CA GLU B 370 -37.08 10.78 -1.91
C GLU B 370 -37.76 9.70 -2.73
N ALA B 371 -37.45 9.67 -4.04
CA ALA B 371 -37.93 8.69 -4.98
C ALA B 371 -37.14 7.37 -5.02
N GLY B 372 -36.16 7.21 -4.15
CA GLY B 372 -35.42 5.94 -4.07
C GLY B 372 -34.33 5.83 -5.12
N ILE B 373 -33.87 6.96 -5.67
CA ILE B 373 -32.82 6.95 -6.68
C ILE B 373 -31.59 7.73 -6.15
N ALA B 374 -30.50 7.03 -5.88
CA ALA B 374 -29.32 7.66 -5.29
C ALA B 374 -28.51 8.28 -6.42
N LEU B 375 -28.27 9.57 -6.28
CA LEU B 375 -27.41 10.35 -7.17
C LEU B 375 -26.30 10.87 -6.35
N THR B 376 -25.17 11.20 -6.98
CA THR B 376 -24.06 11.78 -6.24
C THR B 376 -24.52 13.17 -5.81
N GLY B 377 -24.14 13.60 -4.64
CA GLY B 377 -24.59 14.91 -4.18
C GLY B 377 -24.13 16.06 -5.05
N ALA B 378 -24.90 17.14 -5.01
CA ALA B 378 -24.54 18.44 -5.57
C ALA B 378 -23.18 18.85 -5.09
N GLY B 379 -22.35 19.30 -6.00
CA GLY B 379 -21.01 19.70 -5.63
C GLY B 379 -19.97 18.59 -5.56
N SER B 380 -20.34 17.30 -5.78
CA SER B 380 -19.37 16.24 -5.55
C SER B 380 -18.17 16.29 -6.50
N SER B 381 -18.28 16.91 -7.68
CA SER B 381 -17.13 17.01 -8.58
C SER B 381 -16.31 18.30 -8.39
N TYR B 382 -16.47 18.94 -7.24
CA TYR B 382 -15.82 20.22 -6.95
C TYR B 382 -15.08 20.10 -5.61
N PRO B 383 -13.97 20.84 -5.44
CA PRO B 383 -13.25 20.87 -4.16
C PRO B 383 -14.18 21.33 -3.04
N LEU B 384 -14.09 20.62 -1.91
CA LEU B 384 -14.92 20.87 -0.72
C LEU B 384 -16.39 20.73 -1.01
N ARG B 385 -16.73 20.03 -2.11
CA ARG B 385 -18.11 19.90 -2.54
C ARG B 385 -18.81 21.24 -2.81
N GLN B 386 -18.09 22.21 -3.31
CA GLN B 386 -18.61 23.61 -3.47
C GLN B 386 -18.69 23.88 -4.99
N ASP B 387 -19.86 23.64 -5.56
CA ASP B 387 -20.18 24.04 -6.89
C ASP B 387 -20.84 25.43 -6.76
N PRO B 388 -20.15 26.48 -7.21
CA PRO B 388 -20.75 27.86 -6.95
C PRO B 388 -22.05 28.13 -7.66
N GLU B 389 -22.35 27.38 -8.71
CA GLU B 389 -23.62 27.52 -9.40
C GLU B 389 -24.73 26.55 -9.02
N ASN B 390 -24.40 25.56 -8.18
CA ASN B 390 -25.33 24.55 -7.75
C ASN B 390 -26.13 24.00 -8.96
N LYS B 391 -25.38 23.55 -9.96
CA LYS B 391 -25.94 23.04 -11.24
C LYS B 391 -25.47 21.67 -11.68
N ASN B 392 -24.29 21.24 -11.25
CA ASN B 392 -23.72 19.98 -11.74
C ASN B 392 -24.07 18.70 -10.94
N LEU B 393 -24.39 17.62 -11.68
CA LEU B 393 -24.55 16.33 -11.14
C LEU B 393 -23.79 15.32 -12.03
N ARG B 394 -23.26 14.26 -11.44
CA ARG B 394 -22.51 13.29 -12.18
C ARG B 394 -23.43 12.06 -12.26
N LEU B 395 -23.52 11.44 -13.43
CA LEU B 395 -24.24 10.20 -13.61
C LEU B 395 -23.26 9.05 -13.96
N ALA B 396 -23.42 7.90 -13.31
CA ALA B 396 -22.51 6.73 -13.43
C ALA B 396 -23.31 5.55 -14.04
N PRO B 397 -23.28 5.34 -15.36
CA PRO B 397 -24.09 4.32 -16.03
C PRO B 397 -23.58 2.88 -15.94
N SER B 398 -22.32 2.68 -15.49
CA SER B 398 -21.64 1.38 -15.66
C SER B 398 -22.21 0.18 -14.92
N LEU B 399 -22.57 0.36 -13.65
CA LEU B 399 -22.94 -0.76 -12.82
C LEU B 399 -24.33 -1.38 -13.16
N PRO B 400 -25.42 -0.59 -13.20
CA PRO B 400 -26.74 -1.23 -13.34
C PRO B 400 -26.98 -1.80 -14.74
N PRO B 401 -27.89 -2.78 -14.86
CA PRO B 401 -28.35 -3.18 -16.16
C PRO B 401 -29.16 -2.10 -16.86
N VAL B 402 -29.26 -2.14 -18.19
CA VAL B 402 -29.95 -1.13 -18.96
C VAL B 402 -31.38 -0.90 -18.50
N GLU B 403 -32.11 -1.97 -18.12
CA GLU B 403 -33.50 -1.84 -17.57
C GLU B 403 -33.59 -0.97 -16.34
N GLU B 404 -32.60 -1.10 -15.45
CA GLU B 404 -32.55 -0.26 -14.25
C GLU B 404 -32.18 1.14 -14.63
N LEU B 405 -31.24 1.27 -15.57
CA LEU B 405 -30.91 2.64 -16.07
C LEU B 405 -32.10 3.37 -16.60
N GLU B 406 -32.93 2.66 -17.37
CA GLU B 406 -34.08 3.26 -17.96
C GLU B 406 -35.07 3.82 -16.92
N VAL B 407 -35.35 3.02 -15.90
CA VAL B 407 -36.24 3.41 -14.83
C VAL B 407 -35.62 4.59 -13.99
N ALA B 408 -34.35 4.42 -13.66
CA ALA B 408 -33.64 5.38 -12.85
C ALA B 408 -33.56 6.74 -13.57
N MET B 409 -33.19 6.72 -14.85
CA MET B 409 -33.02 7.97 -15.61
C MET B 409 -34.34 8.66 -15.94
N ASP B 410 -35.42 7.89 -16.19
CA ASP B 410 -36.71 8.51 -16.35
C ASP B 410 -37.08 9.29 -15.09
N GLY B 411 -36.82 8.68 -13.92
CA GLY B 411 -37.00 9.29 -12.64
C GLY B 411 -36.18 10.54 -12.43
N VAL B 412 -34.86 10.46 -12.73
CA VAL B 412 -34.00 11.64 -12.64
C VAL B 412 -34.54 12.81 -13.47
N ALA B 413 -34.98 12.54 -14.67
CA ALA B 413 -35.52 13.57 -15.55
C ALA B 413 -36.78 14.23 -14.98
N THR B 414 -37.66 13.43 -14.38
CA THR B 414 -38.83 13.98 -13.71
C THR B 414 -38.38 14.87 -12.56
N CYS B 415 -37.35 14.44 -11.81
CA CYS B 415 -36.74 15.30 -10.75
C CYS B 415 -36.16 16.64 -11.26
N VAL B 416 -35.42 16.55 -12.36
CA VAL B 416 -34.84 17.76 -13.01
C VAL B 416 -35.96 18.75 -13.36
N LEU B 417 -37.01 18.23 -13.95
CA LEU B 417 -38.16 19.05 -14.40
C LEU B 417 -38.99 19.64 -13.28
N LEU B 418 -39.24 18.86 -12.21
CA LEU B 418 -39.90 19.38 -10.99
C LEU B 418 -39.08 20.47 -10.31
N ALA B 419 -37.77 20.25 -10.19
CA ALA B 419 -36.91 21.23 -9.57
C ALA B 419 -36.93 22.50 -10.40
N ALA B 420 -36.85 22.33 -11.72
CA ALA B 420 -36.86 23.49 -12.61
C ALA B 420 -38.23 24.22 -12.54
N ALA B 421 -39.31 23.46 -12.51
CA ALA B 421 -40.65 24.05 -12.44
C ALA B 421 -40.82 24.83 -11.10
N GLU B 422 -40.36 24.27 -9.99
CA GLU B 422 -40.40 24.98 -8.70
C GLU B 422 -39.61 26.27 -8.77
N HIS B 423 -38.44 26.21 -9.42
CA HIS B 423 -37.55 27.35 -9.49
C HIS B 423 -38.21 28.47 -10.30
N TYR B 424 -38.78 28.14 -11.45
CA TYR B 424 -39.40 29.19 -12.30
C TYR B 424 -40.71 29.72 -11.68
N ALA B 425 -41.47 28.83 -11.06
CA ALA B 425 -42.74 29.21 -10.45
C ALA B 425 -42.46 30.08 -9.26
N ASN B 426 -41.39 29.81 -8.50
CA ASN B 426 -40.86 30.80 -7.54
C ASN B 426 -39.89 31.79 -8.25
#